data_8XVE
#
_entry.id   8XVE
#
_cell.length_a   1.00
_cell.length_b   1.00
_cell.length_c   1.00
_cell.angle_alpha   90.00
_cell.angle_beta   90.00
_cell.angle_gamma   90.00
#
_symmetry.space_group_name_H-M   'P 1'
#
loop_
_entity.id
_entity.type
_entity.pdbx_description
1 polymer 'Isoform Gnas-2 of Guanine nucleotide-binding protein G(s) subunit alpha isoforms short'
2 polymer 'Guanine nucleotide-binding protein G(I)/G(S)/G(T) subunit beta-1'
3 polymer 'Guanine nucleotide-binding protein G(I)/G(S)/G(O) subunit gamma-2'
4 polymer 'Nanobody 35'
5 polymer BQ3020
6 polymer 'Exo-alpha-sialidase,Endothelin receptor type B'
#
loop_
_entity_poly.entity_id
_entity_poly.type
_entity_poly.pdbx_seq_one_letter_code
_entity_poly.pdbx_strand_id
1 'polypeptide(L)'
;HHHHHHENLYFQGNSKTEDQRNEEKAQREANKKIEKQLQKDKQVYRATHRLLLLGADNSGKSTIVKQMRILHGGSGGSGG
TSGIFETKFQVDKVNFHMFDVGGQRDERRKWIQCFNDVTAIIFVVDSSDYNRLQEALNLFKSIWNNRWLRTISVILFLNK
QDLLAEKVLAGKSKIEDYFPEFARYTTPEDATPEPGEDPRVTRAKYFIRDEFLRISTASGDGRHYCYPHFTCAVDTENAR
RIFNDCKDIILQMNLREYNLV
;
A
2 'polypeptide(L)'
;IGRARGFSELDQLRQEAEQLKNQIRDARKACADATLSQITNNIDPVGRIQMRTRRTLRGHLAKIYAMHWGTDSRLLVSAS
QDGKLIIWDSYTTNKVHAIPLRSSWVMTCAYAPSGNYVACGGLDNICSIYNLKTREGNVRVSRELAGHTGYLSCCRFLDD
NQIVTSSGDTTCALWDIETGQQTTTFTGHTGDVMSLSLAPDTRLFVSGACDASAKLWDVREGMCRQTFTGHESDINAICF
FPNGNAFATGSDDATCRLFDLRADQELMTYSHDNIICGITSVSFSKSGRLLLAGYDDFNCNVWDALKADRAGVLAGHDNR
VSCLGVTDDGMAVATGSWDSFLKIWN
;
B
3 'polypeptide(L)' MASNNTASIAQARKLVEQLKMEANIDRIKVSKAAADLMAYCEAHAKEDPLLTPVPASENPFREKKFFCAIL G
4 'polypeptide(L)'
;MKYLLPTAAAGLLLLAAQPAMAMQVQLQESGGGLVQPGGSLRLSCAASGFTFSNYKMNWVRQAPGKGLEWVSDISQSGAS
ISYTGSVKGRFTISRDNAKNTLYLQMNSLKPEDTAVYYCARCPAPFTRDCFDVTSTTYAYRGQGTQVTVSSHHHHHH
;
N
5 'polypeptide(L)' LMDKEAVYFAHLDIIW P
6 'polypeptide(L)'
;MKTIIALSYIFCLVFADYKDDDDAGRAVEGAVKTEPVDLFHPGFLNSSNYRIPALFKTKEGTLIASIDARRHGGADAPNN
DIDTAVRRSEDGGKTWDEGQIIMDYPDKSSVIDTTLIQDDETGRIFLLVTHFPSKYGFWNAGLGSGFKNIDGKEYLCLYD
SSGKEFTVRENVVYDKDSNKTEYTTNALGDLFKNGTKIDNINSSTAPLKAKGTSYINLVYSDDDGKTWSEPQNINFQVKK
DWMKFLGIAPGRGIQIKNGEHKGRIVVPVYYTNEKGKQSSAVIYSDDSGKNWTIGESPNDNRKLENGKIINSKTLSDDAP
QLTECQVVEMPNGQLKLFMRNLSGYLNIATSFDGGATWDETVEKDTNVLEPYCQLSVINYSQKVDGKDAVIFSNPNARSR
SNGTVRIGLINQVGTYENGEPKYEFDWKYNKLVKPGYYAYSCLTELSNGNIGLLYEGTPSEEMSYIEMNLKYLESGANKA
PAEVPKGDRTAGSPPRTISPPPCQGPIEIKETFKYINTVVSCLVFVLGIIGNSTLLRIIYKNKCMRNGPNILIASLALGD
LLHIVIDIPINVYKLLAEDWPFGAEMCKLVPFIQKASVGITVLSLCALSIDRYRAVASWSRIKGIGVPKWTAVEIVLIWV
VSVVLAVPEAIGFDIITMDYKGSYLRICLLHPVQKTAFMQFYKTAKDWWLFSFYFCLPLAITAFFYTLMTCEMLRKKSGM
QIALNDHLKQRREVAKTVFCLVLVFALCWLPLHLSRILKLTLYNQNDPNRCELLSFLLVLDYIGINMASLNSCINPIALY
LVSKRFKNCFKSCLCCWCQLEVLFQGPHHHHHHHHHH
;
R
#
# COMPACT_ATOMS: atom_id res chain seq x y z
N THR A 17 -16.01 -45.06 0.34
CA THR A 17 -16.28 -44.39 -0.96
C THR A 17 -17.45 -43.42 -0.83
N GLU A 18 -18.61 -43.95 -0.42
CA GLU A 18 -19.78 -43.11 -0.22
C GLU A 18 -19.54 -42.07 0.87
N ASP A 19 -18.95 -42.48 1.99
CA ASP A 19 -18.75 -41.56 3.10
C ASP A 19 -17.82 -40.42 2.71
N GLN A 20 -16.75 -40.72 1.99
CA GLN A 20 -15.78 -39.68 1.64
C GLN A 20 -16.42 -38.62 0.76
N ARG A 21 -17.12 -39.03 -0.30
CA ARG A 21 -17.73 -38.06 -1.19
C ARG A 21 -18.88 -37.33 -0.51
N ASN A 22 -19.61 -38.03 0.35
CA ASN A 22 -20.65 -37.35 1.14
C ASN A 22 -20.04 -36.22 1.97
N GLU A 23 -18.94 -36.50 2.67
CA GLU A 23 -18.29 -35.49 3.49
C GLU A 23 -17.75 -34.35 2.65
N GLU A 24 -17.13 -34.66 1.51
CA GLU A 24 -16.59 -33.61 0.65
C GLU A 24 -17.69 -32.70 0.12
N LYS A 25 -18.82 -33.28 -0.31
CA LYS A 25 -19.91 -32.45 -0.81
C LYS A 25 -20.55 -31.66 0.32
N ALA A 26 -20.61 -32.22 1.53
CA ALA A 26 -21.11 -31.45 2.67
C ALA A 26 -20.21 -30.25 2.95
N GLN A 27 -18.89 -30.46 2.88
CA GLN A 27 -17.96 -29.35 3.06
C GLN A 27 -18.17 -28.28 2.00
N ARG A 28 -18.36 -28.69 0.75
CA ARG A 28 -18.62 -27.70 -0.29
C ARG A 28 -19.91 -26.94 -0.04
N GLU A 29 -20.96 -27.64 0.41
CA GLU A 29 -22.21 -26.97 0.71
C GLU A 29 -22.03 -25.93 1.82
N ALA A 30 -21.27 -26.27 2.87
CA ALA A 30 -21.01 -25.30 3.92
C ALA A 30 -20.23 -24.11 3.40
N ASN A 31 -19.22 -24.36 2.57
CA ASN A 31 -18.44 -23.26 2.01
C ASN A 31 -19.33 -22.34 1.18
N LYS A 32 -20.36 -22.89 0.54
CA LYS A 32 -21.25 -22.04 -0.26
C LYS A 32 -21.99 -21.03 0.62
N LYS A 33 -22.52 -21.47 1.76
CA LYS A 33 -23.16 -20.54 2.69
C LYS A 33 -22.17 -19.52 3.20
N ILE A 34 -20.95 -19.96 3.51
CA ILE A 34 -19.92 -19.03 3.96
C ILE A 34 -19.67 -17.97 2.90
N GLU A 35 -19.59 -18.38 1.63
CA GLU A 35 -19.36 -17.45 0.54
C GLU A 35 -20.51 -16.46 0.41
N LYS A 36 -21.75 -16.94 0.54
CA LYS A 36 -22.89 -16.03 0.47
C LYS A 36 -22.81 -14.96 1.56
N GLN A 37 -22.55 -15.40 2.79
CA GLN A 37 -22.45 -14.45 3.90
C GLN A 37 -21.32 -13.46 3.67
N LEU A 38 -20.18 -13.94 3.16
CA LEU A 38 -19.07 -13.04 2.89
C LEU A 38 -19.41 -12.04 1.80
N GLN A 39 -20.19 -12.46 0.80
CA GLN A 39 -20.61 -11.52 -0.25
C GLN A 39 -21.47 -10.41 0.32
N LYS A 40 -22.49 -10.77 1.10
CA LYS A 40 -23.33 -9.74 1.71
C LYS A 40 -22.51 -8.84 2.63
N ASP A 41 -21.59 -9.43 3.39
CA ASP A 41 -20.76 -8.64 4.28
C ASP A 41 -19.81 -7.73 3.51
N LYS A 42 -19.34 -8.13 2.33
CA LYS A 42 -18.54 -7.23 1.52
C LYS A 42 -19.37 -6.05 1.07
N GLN A 43 -20.60 -6.30 0.66
CA GLN A 43 -21.50 -5.19 0.31
C GLN A 43 -21.58 -4.20 1.47
N VAL A 44 -21.91 -4.71 2.65
CA VAL A 44 -22.07 -3.81 3.80
C VAL A 44 -20.75 -3.10 4.12
N TYR A 45 -19.65 -3.84 4.13
CA TYR A 45 -18.35 -3.29 4.52
C TYR A 45 -17.93 -2.18 3.58
N ARG A 46 -17.92 -2.45 2.29
CA ARG A 46 -17.51 -1.44 1.33
C ARG A 46 -18.54 -0.34 1.15
N ALA A 47 -19.75 -0.52 1.67
CA ALA A 47 -20.71 0.58 1.67
C ALA A 47 -20.34 1.65 2.68
N THR A 48 -19.69 1.26 3.78
CA THR A 48 -19.35 2.21 4.83
C THR A 48 -17.96 2.80 4.62
N HIS A 49 -17.75 4.00 5.15
CA HIS A 49 -16.45 4.65 5.16
C HIS A 49 -15.92 4.66 6.58
N ARG A 50 -14.60 4.54 6.70
CA ARG A 50 -13.95 4.43 8.00
C ARG A 50 -13.01 5.60 8.21
N LEU A 51 -13.13 6.25 9.37
CA LEU A 51 -12.36 7.44 9.69
C LEU A 51 -11.65 7.22 11.02
N LEU A 52 -10.43 7.72 11.13
CA LEU A 52 -9.68 7.67 12.39
C LEU A 52 -9.66 9.05 12.98
N LEU A 53 -10.50 9.28 13.99
CA LEU A 53 -10.53 10.55 14.69
C LEU A 53 -9.37 10.59 15.68
N LEU A 54 -8.46 11.53 15.49
CA LEU A 54 -7.22 11.58 16.24
C LEU A 54 -6.98 13.01 16.69
N GLY A 55 -6.24 13.15 17.79
CA GLY A 55 -5.97 14.47 18.33
C GLY A 55 -5.63 14.44 19.81
N ALA A 56 -5.27 15.60 20.35
CA ALA A 56 -4.82 15.69 21.72
C ALA A 56 -5.99 15.57 22.70
N ASP A 57 -5.65 15.34 23.96
CA ASP A 57 -6.67 15.23 24.99
C ASP A 57 -7.45 16.54 25.15
N ASN A 58 -6.76 17.67 25.11
CA ASN A 58 -7.42 18.96 25.26
C ASN A 58 -8.23 19.36 24.04
N SER A 59 -7.98 18.74 22.88
CA SER A 59 -8.78 19.02 21.70
C SER A 59 -10.22 18.62 21.95
N GLY A 60 -11.15 19.41 21.41
CA GLY A 60 -12.56 19.15 21.61
C GLY A 60 -13.11 18.01 20.79
N LYS A 61 -12.50 16.83 20.91
CA LYS A 61 -13.00 15.66 20.20
C LYS A 61 -14.41 15.29 20.68
N SER A 62 -14.66 15.45 21.98
CA SER A 62 -15.97 15.11 22.53
C SER A 62 -17.07 15.97 21.91
N THR A 63 -16.79 17.24 21.63
CA THR A 63 -17.79 18.09 21.01
C THR A 63 -18.18 17.58 19.62
N ILE A 64 -17.18 17.18 18.83
CA ILE A 64 -17.45 16.63 17.51
C ILE A 64 -18.21 15.31 17.63
N VAL A 65 -17.83 14.49 18.61
CA VAL A 65 -18.51 13.22 18.82
C VAL A 65 -19.98 13.47 19.13
N LYS A 66 -20.27 14.44 20.00
CA LYS A 66 -21.64 14.79 20.30
C LYS A 66 -22.35 15.31 19.05
N GLN A 67 -21.66 16.12 18.26
CA GLN A 67 -22.29 16.69 17.08
C GLN A 67 -22.75 15.61 16.11
N MET A 68 -21.92 14.59 15.86
CA MET A 68 -22.38 13.47 15.07
C MET A 68 -23.49 12.69 15.79
N ARG A 69 -23.26 12.33 17.06
CA ARG A 69 -24.21 11.44 17.74
C ARG A 69 -25.58 12.08 17.93
N ILE A 70 -25.70 13.39 17.80
CA ILE A 70 -27.02 14.02 17.88
C ILE A 70 -27.91 13.54 16.75
N LEU A 71 -27.35 13.41 15.55
CA LEU A 71 -28.09 12.93 14.39
C LEU A 71 -28.75 11.58 14.68
N GLY A 83 -11.27 0.13 24.28
CA GLY A 83 -11.67 1.48 24.63
C GLY A 83 -11.85 2.38 23.43
N ILE A 84 -12.38 1.81 22.34
CA ILE A 84 -12.59 2.56 21.11
C ILE A 84 -14.01 3.14 21.16
N PHE A 85 -14.09 4.47 21.10
CA PHE A 85 -15.38 5.16 21.04
C PHE A 85 -15.80 5.28 19.59
N GLU A 86 -16.31 4.18 19.06
CA GLU A 86 -16.83 4.20 17.69
C GLU A 86 -18.05 5.10 17.60
N THR A 87 -18.15 5.82 16.48
CA THR A 87 -19.26 6.73 16.24
C THR A 87 -19.76 6.53 14.82
N LYS A 88 -21.07 6.37 14.67
CA LYS A 88 -21.71 6.12 13.38
C LYS A 88 -22.65 7.26 13.06
N PHE A 89 -22.51 7.82 11.86
CA PHE A 89 -23.41 8.88 11.42
C PHE A 89 -23.58 8.78 9.90
N GLN A 90 -24.65 9.40 9.43
CA GLN A 90 -25.16 9.19 8.08
C GLN A 90 -25.53 10.53 7.45
N VAL A 91 -25.01 10.79 6.27
CA VAL A 91 -25.27 12.02 5.54
C VAL A 91 -25.57 11.67 4.09
N ASP A 92 -26.72 12.12 3.61
CA ASP A 92 -27.15 11.84 2.23
C ASP A 92 -27.05 10.34 1.94
N LYS A 93 -27.54 9.53 2.89
CA LYS A 93 -27.56 8.08 2.76
C LYS A 93 -26.18 7.48 2.56
N VAL A 94 -25.14 8.15 3.05
CA VAL A 94 -23.79 7.60 3.05
C VAL A 94 -23.39 7.35 4.49
N ASN A 95 -22.93 6.15 4.78
CA ASN A 95 -22.69 5.70 6.15
C ASN A 95 -21.23 5.88 6.51
N PHE A 96 -20.97 6.69 7.54
CA PHE A 96 -19.62 6.96 8.02
C PHE A 96 -19.41 6.24 9.34
N HIS A 97 -18.17 5.81 9.59
CA HIS A 97 -17.81 5.12 10.81
C HIS A 97 -16.53 5.74 11.35
N MET A 98 -16.61 6.34 12.54
CA MET A 98 -15.54 7.13 13.12
C MET A 98 -15.04 6.45 14.39
N PHE A 99 -13.71 6.32 14.50
CA PHE A 99 -13.08 5.62 15.60
C PHE A 99 -12.21 6.58 16.40
N ASP A 100 -12.21 6.41 17.72
CA ASP A 100 -11.35 7.17 18.63
C ASP A 100 -10.72 6.17 19.59
N VAL A 101 -9.43 5.90 19.39
CA VAL A 101 -8.72 4.90 20.17
C VAL A 101 -8.25 5.54 21.48
N GLY A 102 -9.08 5.43 22.52
CA GLY A 102 -8.79 6.06 23.80
C GLY A 102 -8.30 5.13 24.89
N GLY A 103 -8.18 3.84 24.61
CA GLY A 103 -7.76 2.89 25.62
C GLY A 103 -6.34 2.38 25.44
N GLN A 104 -5.43 3.28 25.06
CA GLN A 104 -4.05 2.91 24.75
C GLN A 104 -3.10 3.81 25.54
N ARG A 105 -1.82 3.44 25.51
CA ARG A 105 -0.79 4.29 26.08
C ARG A 105 -0.42 5.38 25.09
N ASP A 106 0.65 6.11 25.40
CA ASP A 106 1.08 7.21 24.54
C ASP A 106 1.91 6.76 23.35
N GLU A 107 2.44 5.53 23.38
CA GLU A 107 3.25 5.01 22.28
C GLU A 107 2.33 4.42 21.22
N ARG A 108 1.97 5.27 20.26
CA ARG A 108 0.96 4.91 19.27
C ARG A 108 1.54 4.39 17.97
N ARG A 109 2.86 4.30 17.84
CA ARG A 109 3.45 4.02 16.54
C ARG A 109 3.12 2.63 16.03
N LYS A 110 2.58 1.76 16.88
CA LYS A 110 2.31 0.39 16.47
C LYS A 110 0.84 0.14 16.17
N TRP A 111 -0.08 0.73 16.93
CA TRP A 111 -1.50 0.51 16.67
C TRP A 111 -2.05 1.45 15.61
N ILE A 112 -1.29 2.48 15.24
CA ILE A 112 -1.74 3.38 14.18
C ILE A 112 -1.72 2.67 12.84
N GLN A 113 -0.87 1.64 12.70
CA GLN A 113 -0.78 0.89 11.46
C GLN A 113 -2.02 0.09 11.15
N CYS A 114 -2.89 -0.14 12.14
CA CYS A 114 -4.12 -0.88 11.88
C CYS A 114 -5.07 -0.07 11.00
N PHE A 115 -4.86 1.24 10.90
CA PHE A 115 -5.76 2.13 10.21
C PHE A 115 -5.24 2.57 8.85
N ASN A 116 -4.54 1.68 8.13
CA ASN A 116 -4.07 1.97 6.79
C ASN A 116 -5.21 2.12 5.80
N ASP A 117 -6.31 1.37 5.98
CA ASP A 117 -7.41 1.35 5.03
C ASP A 117 -8.40 2.48 5.21
N VAL A 118 -8.30 3.27 6.29
CA VAL A 118 -9.30 4.28 6.55
C VAL A 118 -9.34 5.29 5.41
N THR A 119 -10.54 5.81 5.13
CA THR A 119 -10.70 6.80 4.07
C THR A 119 -9.91 8.07 4.37
N ALA A 120 -9.96 8.53 5.62
CA ALA A 120 -9.27 9.75 6.00
C ALA A 120 -9.00 9.73 7.49
N ILE A 121 -8.09 10.59 7.91
CA ILE A 121 -7.82 10.81 9.32
C ILE A 121 -8.37 12.18 9.69
N ILE A 122 -9.23 12.22 10.70
CA ILE A 122 -9.79 13.46 11.20
C ILE A 122 -8.88 13.95 12.33
N PHE A 123 -8.07 14.96 12.04
CA PHE A 123 -7.14 15.53 12.99
C PHE A 123 -7.77 16.77 13.60
N VAL A 124 -7.97 16.76 14.90
CA VAL A 124 -8.61 17.84 15.62
C VAL A 124 -7.55 18.55 16.44
N VAL A 125 -7.51 19.88 16.32
CA VAL A 125 -6.44 20.69 16.87
C VAL A 125 -7.04 21.82 17.69
N ASP A 126 -6.52 22.04 18.88
CA ASP A 126 -6.82 23.22 19.67
C ASP A 126 -6.01 24.38 19.12
N SER A 127 -6.69 25.37 18.55
CA SER A 127 -6.00 26.49 17.94
C SER A 127 -5.70 27.61 18.92
N SER A 128 -6.14 27.51 20.16
CA SER A 128 -5.90 28.54 21.18
C SER A 128 -4.75 28.20 22.11
N ASP A 129 -4.37 26.93 22.22
CA ASP A 129 -3.31 26.50 23.13
C ASP A 129 -2.01 26.52 22.36
N TYR A 130 -1.26 27.61 22.52
CA TYR A 130 -0.02 27.78 21.79
C TYR A 130 1.07 26.85 22.30
N ASN A 131 1.01 26.47 23.57
CA ASN A 131 2.02 25.56 24.11
C ASN A 131 1.99 24.21 23.40
N ARG A 132 0.80 23.70 23.13
CA ARG A 132 0.64 22.39 22.51
C ARG A 132 0.62 22.43 20.99
N LEU A 133 0.73 23.61 20.39
CA LEU A 133 0.66 23.70 18.95
C LEU A 133 1.84 22.97 18.31
N GLN A 134 3.03 23.08 18.92
CA GLN A 134 4.17 22.39 18.34
C GLN A 134 4.03 20.87 18.46
N GLU A 135 3.49 20.39 19.57
CA GLU A 135 3.20 18.97 19.70
C GLU A 135 2.22 18.51 18.63
N ALA A 136 1.17 19.29 18.41
CA ALA A 136 0.20 18.93 17.38
C ALA A 136 0.83 18.92 15.99
N LEU A 137 1.67 19.91 15.71
CA LEU A 137 2.34 19.96 14.41
C LEU A 137 3.27 18.77 14.23
N ASN A 138 3.99 18.40 15.28
CA ASN A 138 4.88 17.24 15.18
C ASN A 138 4.08 15.96 14.96
N LEU A 139 2.94 15.82 15.64
CA LEU A 139 2.12 14.64 15.42
C LEU A 139 1.60 14.60 13.99
N PHE A 140 1.18 15.74 13.46
CA PHE A 140 0.73 15.79 12.06
C PHE A 140 1.87 15.43 11.13
N LYS A 141 3.08 15.93 11.41
CA LYS A 141 4.23 15.64 10.56
C LYS A 141 4.54 14.15 10.56
N SER A 142 4.46 13.52 11.73
CA SER A 142 4.71 12.09 11.81
C SER A 142 3.64 11.30 11.07
N ILE A 143 2.38 11.68 11.24
CA ILE A 143 1.29 10.96 10.58
C ILE A 143 1.40 11.09 9.07
N TRP A 144 1.75 12.29 8.59
CA TRP A 144 1.79 12.55 7.16
C TRP A 144 2.87 11.72 6.47
N ASN A 145 4.04 11.62 7.10
CA ASN A 145 5.19 10.97 6.47
C ASN A 145 5.36 9.51 6.86
N ASN A 146 4.49 8.98 7.70
CA ASN A 146 4.61 7.59 8.13
C ASN A 146 4.49 6.67 6.92
N ARG A 147 5.37 5.67 6.85
CA ARG A 147 5.43 4.81 5.68
C ARG A 147 4.07 4.21 5.35
N TRP A 148 3.28 3.88 6.37
CA TRP A 148 2.04 3.15 6.18
C TRP A 148 0.83 4.05 6.07
N LEU A 149 0.87 5.25 6.64
CA LEU A 149 -0.22 6.19 6.53
C LEU A 149 -0.02 7.25 5.45
N ARG A 150 1.06 7.17 4.68
CA ARG A 150 1.27 8.15 3.61
C ARG A 150 0.50 7.78 2.35
N THR A 151 -0.74 7.42 2.53
CA THR A 151 -1.69 7.29 1.42
C THR A 151 -3.07 7.79 1.83
N ILE A 152 -3.23 8.32 3.04
CA ILE A 152 -4.51 8.63 3.64
C ILE A 152 -4.60 10.13 3.82
N SER A 153 -5.63 10.73 3.23
CA SER A 153 -5.85 12.15 3.35
C SER A 153 -6.30 12.49 4.77
N VAL A 154 -6.11 13.75 5.15
CA VAL A 154 -6.39 14.22 6.50
C VAL A 154 -7.39 15.36 6.39
N ILE A 155 -8.47 15.25 7.14
CA ILE A 155 -9.44 16.33 7.29
C ILE A 155 -9.10 17.05 8.59
N LEU A 156 -8.64 18.28 8.47
CA LEU A 156 -8.03 19.00 9.58
C LEU A 156 -9.04 19.99 10.15
N PHE A 157 -9.45 19.76 11.39
CA PHE A 157 -10.46 20.57 12.07
C PHE A 157 -9.75 21.42 13.11
N LEU A 158 -9.68 22.72 12.85
CA LEU A 158 -9.12 23.67 13.81
C LEU A 158 -10.24 24.08 14.75
N ASN A 159 -10.27 23.45 15.92
CA ASN A 159 -11.35 23.58 16.88
C ASN A 159 -11.16 24.82 17.75
N LYS A 160 -12.18 25.12 18.55
CA LYS A 160 -12.11 26.18 19.54
C LYS A 160 -11.61 27.49 18.92
N GLN A 161 -12.30 27.93 17.87
CA GLN A 161 -11.95 29.20 17.24
C GLN A 161 -12.44 30.40 18.04
N ASP A 162 -13.56 30.27 18.74
CA ASP A 162 -14.02 31.35 19.61
C ASP A 162 -13.01 31.63 20.72
N LEU A 163 -12.43 30.57 21.30
CA LEU A 163 -11.38 30.76 22.29
C LEU A 163 -10.16 31.44 21.70
N LEU A 164 -9.78 31.07 20.48
CA LEU A 164 -8.65 31.71 19.83
C LEU A 164 -8.92 33.19 19.63
N ALA A 165 -10.12 33.53 19.18
CA ALA A 165 -10.47 34.92 18.97
C ALA A 165 -10.44 35.70 20.27
N GLU A 166 -11.03 35.15 21.33
CA GLU A 166 -11.04 35.84 22.61
C GLU A 166 -9.61 36.06 23.10
N LYS A 167 -8.76 35.05 22.95
CA LYS A 167 -7.37 35.18 23.39
C LYS A 167 -6.62 36.22 22.57
N VAL A 168 -6.88 36.30 21.26
CA VAL A 168 -6.17 37.25 20.42
C VAL A 168 -6.61 38.68 20.72
N LEU A 169 -7.93 38.95 20.72
CA LEU A 169 -8.37 40.29 21.08
C LEU A 169 -8.00 40.63 22.53
N ALA A 170 -7.85 39.63 23.39
CA ALA A 170 -7.43 39.91 24.76
C ALA A 170 -6.03 40.49 24.82
N GLY A 171 -5.15 40.12 23.90
CA GLY A 171 -3.82 40.67 23.83
C GLY A 171 -2.86 40.21 24.90
N LYS A 172 -3.35 39.59 25.98
CA LYS A 172 -2.46 39.18 27.06
C LYS A 172 -1.50 38.07 26.65
N SER A 173 -1.73 37.42 25.50
CA SER A 173 -0.83 36.38 25.01
C SER A 173 -0.51 36.66 23.55
N LYS A 174 0.73 36.36 23.17
CA LYS A 174 1.23 36.65 21.83
C LYS A 174 1.75 35.35 21.21
N ILE A 175 1.43 35.17 19.93
CA ILE A 175 1.85 33.94 19.26
C ILE A 175 3.29 34.01 18.81
N GLU A 176 3.87 35.21 18.76
CA GLU A 176 5.27 35.34 18.34
C GLU A 176 6.20 34.63 19.31
N ASP A 177 5.85 34.61 20.59
CA ASP A 177 6.70 33.97 21.59
C ASP A 177 6.89 32.48 21.32
N TYR A 178 5.94 31.85 20.64
CA TYR A 178 6.03 30.41 20.35
C TYR A 178 6.37 30.13 18.89
N PHE A 179 6.23 31.11 18.02
CA PHE A 179 6.50 30.95 16.59
C PHE A 179 7.08 32.25 16.08
N PRO A 180 8.40 32.39 16.06
CA PRO A 180 8.99 33.67 15.66
C PRO A 180 8.61 34.12 14.25
N GLU A 181 8.23 33.18 13.39
CA GLU A 181 7.91 33.54 12.01
C GLU A 181 6.63 34.35 11.91
N PHE A 182 5.86 34.48 12.98
CA PHE A 182 4.60 35.21 12.89
C PHE A 182 4.79 36.66 12.54
N ALA A 183 5.87 37.30 13.02
CA ALA A 183 6.08 38.70 12.74
C ALA A 183 6.26 38.97 11.25
N ARG A 184 6.55 37.95 10.46
CA ARG A 184 6.81 38.13 9.05
C ARG A 184 5.80 37.34 8.22
N TYR A 185 4.52 37.40 8.61
CA TYR A 185 3.45 36.70 7.92
C TYR A 185 2.34 37.69 7.60
N THR A 186 1.79 37.58 6.40
CA THR A 186 0.64 38.38 5.98
C THR A 186 -0.40 37.46 5.36
N THR A 187 -1.67 37.81 5.57
CA THR A 187 -2.75 36.92 5.18
C THR A 187 -2.74 36.72 3.66
N PRO A 188 -3.03 35.50 3.19
CA PRO A 188 -3.13 35.28 1.75
C PRO A 188 -4.35 35.99 1.19
N GLU A 189 -4.27 36.36 -0.09
CA GLU A 189 -5.38 37.05 -0.73
C GLU A 189 -6.65 36.22 -0.70
N ASP A 190 -6.52 34.90 -0.74
CA ASP A 190 -7.69 34.02 -0.79
C ASP A 190 -8.39 33.88 0.56
N ALA A 191 -7.81 34.42 1.63
CA ALA A 191 -8.46 34.35 2.93
C ALA A 191 -9.82 35.03 2.88
N THR A 192 -10.84 34.35 3.40
CA THR A 192 -12.20 34.87 3.38
C THR A 192 -12.68 35.03 4.82
N PRO A 193 -12.25 36.08 5.51
CA PRO A 193 -12.67 36.26 6.90
C PRO A 193 -14.18 36.41 7.00
N GLU A 194 -14.75 35.81 8.04
CA GLU A 194 -16.17 35.97 8.29
C GLU A 194 -16.44 37.41 8.72
N PRO A 195 -17.68 37.88 8.58
CA PRO A 195 -17.96 39.30 8.85
C PRO A 195 -17.71 39.65 10.30
N GLY A 196 -17.13 40.83 10.52
CA GLY A 196 -16.89 41.32 11.86
C GLY A 196 -15.56 40.93 12.47
N GLU A 197 -14.79 40.06 11.82
CA GLU A 197 -13.52 39.64 12.39
C GLU A 197 -12.49 40.75 12.32
N ASP A 198 -11.72 40.88 13.38
CA ASP A 198 -10.57 41.77 13.39
C ASP A 198 -9.48 41.18 12.49
N PRO A 199 -8.69 42.01 11.82
CA PRO A 199 -7.58 41.46 11.03
C PRO A 199 -6.64 40.60 11.86
N ARG A 200 -6.48 40.92 13.14
CA ARG A 200 -5.57 40.15 13.97
C ARG A 200 -6.00 38.70 14.08
N VAL A 201 -7.29 38.44 14.30
CA VAL A 201 -7.74 37.08 14.52
C VAL A 201 -7.63 36.27 13.23
N THR A 202 -8.00 36.86 12.09
CA THR A 202 -7.88 36.14 10.83
C THR A 202 -6.41 35.83 10.54
N ARG A 203 -5.52 36.79 10.78
CA ARG A 203 -4.10 36.52 10.55
C ARG A 203 -3.63 35.36 11.43
N ALA A 204 -4.01 35.38 12.71
CA ALA A 204 -3.58 34.32 13.62
C ALA A 204 -4.05 32.96 13.13
N LYS A 205 -5.35 32.84 12.84
CA LYS A 205 -5.89 31.53 12.50
C LYS A 205 -5.34 31.05 11.15
N TYR A 206 -5.11 31.97 10.22
CA TYR A 206 -4.57 31.54 8.94
C TYR A 206 -3.11 31.15 9.05
N PHE A 207 -2.37 31.76 9.96
CA PHE A 207 -1.02 31.28 10.25
C PHE A 207 -1.06 29.86 10.81
N ILE A 208 -1.98 29.61 11.74
CA ILE A 208 -2.11 28.26 12.31
C ILE A 208 -2.39 27.26 11.20
N ARG A 209 -3.30 27.62 10.29
CA ARG A 209 -3.62 26.74 9.17
C ARG A 209 -2.42 26.53 8.26
N ASP A 210 -1.68 27.61 7.98
CA ASP A 210 -0.58 27.54 7.05
C ASP A 210 0.58 26.71 7.57
N GLU A 211 0.76 26.60 8.88
CA GLU A 211 1.79 25.69 9.38
C GLU A 211 1.50 24.25 8.94
N PHE A 212 0.29 23.77 9.20
CA PHE A 212 -0.10 22.43 8.77
C PHE A 212 -0.05 22.28 7.26
N LEU A 213 -0.50 23.30 6.51
CA LEU A 213 -0.40 23.21 5.07
C LEU A 213 1.04 23.15 4.59
N ARG A 214 1.96 23.86 5.23
CA ARG A 214 3.38 23.72 4.89
C ARG A 214 3.82 22.29 5.08
N ILE A 215 3.51 21.71 6.25
CA ILE A 215 3.93 20.33 6.50
C ILE A 215 3.37 19.40 5.43
N SER A 216 2.10 19.57 5.09
CA SER A 216 1.48 18.65 4.14
C SER A 216 2.01 18.82 2.73
N THR A 217 2.17 20.06 2.26
CA THR A 217 2.67 20.29 0.92
C THR A 217 4.16 19.99 0.78
N ALA A 218 4.89 19.89 1.89
CA ALA A 218 6.31 19.57 1.80
C ALA A 218 6.57 18.24 1.12
N SER A 219 5.77 17.20 1.41
CA SER A 219 6.03 15.88 0.83
C SER A 219 4.77 15.16 0.37
N GLY A 220 3.74 15.87 -0.08
CA GLY A 220 2.50 15.22 -0.47
C GLY A 220 2.66 14.27 -1.64
N ASP A 221 3.35 14.70 -2.69
CA ASP A 221 3.55 13.90 -3.90
C ASP A 221 2.23 13.56 -4.58
N GLY A 222 1.16 14.29 -4.26
CA GLY A 222 -0.11 14.05 -4.89
C GLY A 222 -0.81 12.78 -4.48
N ARG A 223 -0.24 12.03 -3.54
CA ARG A 223 -0.88 10.81 -3.07
C ARG A 223 -2.06 11.12 -2.16
N HIS A 224 -1.92 12.17 -1.35
CA HIS A 224 -2.92 12.52 -0.34
C HIS A 224 -2.89 14.03 -0.11
N TYR A 225 -4.00 14.53 0.43
CA TYR A 225 -4.19 15.97 0.62
C TYR A 225 -4.75 16.22 2.00
N CYS A 226 -4.51 17.43 2.50
CA CYS A 226 -5.05 17.89 3.77
C CYS A 226 -6.11 18.93 3.50
N TYR A 227 -7.26 18.79 4.16
CA TYR A 227 -8.40 19.69 3.97
C TYR A 227 -8.63 20.47 5.25
N PRO A 228 -8.19 21.73 5.33
CA PRO A 228 -8.34 22.48 6.58
C PRO A 228 -9.71 23.13 6.73
N HIS A 229 -10.25 23.10 7.95
CA HIS A 229 -11.52 23.73 8.25
C HIS A 229 -11.43 24.37 9.62
N PHE A 230 -12.31 25.34 9.86
CA PHE A 230 -12.45 25.96 11.16
C PHE A 230 -13.81 25.60 11.75
N THR A 231 -13.85 25.41 13.06
CA THR A 231 -15.07 24.95 13.71
C THR A 231 -15.05 25.39 15.16
N CYS A 232 -16.22 25.31 15.80
CA CYS A 232 -16.40 25.69 17.18
C CYS A 232 -17.09 24.55 17.93
N ALA A 233 -17.35 24.77 19.21
CA ALA A 233 -18.06 23.77 20.00
C ALA A 233 -19.55 23.76 19.69
N VAL A 234 -20.06 24.83 19.09
CA VAL A 234 -21.49 24.95 18.80
C VAL A 234 -21.74 24.90 17.31
N ASP A 235 -20.81 24.33 16.55
CA ASP A 235 -20.94 24.20 15.11
C ASP A 235 -21.72 22.92 14.79
N THR A 236 -22.63 23.02 13.83
CA THR A 236 -23.51 21.90 13.49
C THR A 236 -23.24 21.33 12.11
N GLU A 237 -22.20 21.80 11.42
CA GLU A 237 -21.95 21.42 10.03
C GLU A 237 -20.70 20.58 9.87
N ASN A 238 -20.17 19.99 10.94
CA ASN A 238 -18.95 19.22 10.82
C ASN A 238 -19.17 17.93 10.03
N ALA A 239 -20.33 17.28 10.21
CA ALA A 239 -20.63 16.09 9.44
C ALA A 239 -20.72 16.39 7.96
N ARG A 240 -21.35 17.52 7.61
CA ARG A 240 -21.38 17.94 6.21
C ARG A 240 -19.97 18.11 5.67
N ARG A 241 -19.09 18.72 6.46
CA ARG A 241 -17.71 18.91 6.02
C ARG A 241 -17.01 17.58 5.80
N ILE A 242 -17.21 16.62 6.72
CA ILE A 242 -16.58 15.32 6.55
C ILE A 242 -17.09 14.64 5.29
N PHE A 243 -18.40 14.68 5.04
CA PHE A 243 -18.94 14.11 3.82
C PHE A 243 -18.32 14.76 2.60
N ASN A 244 -18.30 16.10 2.57
CA ASN A 244 -17.75 16.79 1.42
C ASN A 244 -16.31 16.40 1.18
N ASP A 245 -15.48 16.45 2.22
CA ASP A 245 -14.07 16.13 2.07
C ASP A 245 -13.84 14.69 1.66
N CYS A 246 -14.60 13.76 2.22
CA CYS A 246 -14.45 12.36 1.84
C CYS A 246 -14.82 12.15 0.38
N LYS A 247 -15.83 12.88 -0.11
CA LYS A 247 -16.17 12.76 -1.52
C LYS A 247 -14.97 13.12 -2.40
N ASP A 248 -14.29 14.23 -2.10
CA ASP A 248 -13.15 14.59 -2.93
C ASP A 248 -11.98 13.64 -2.74
N ILE A 249 -11.78 13.13 -1.53
CA ILE A 249 -10.71 12.16 -1.32
C ILE A 249 -10.92 10.94 -2.21
N ILE A 250 -12.14 10.41 -2.20
CA ILE A 250 -12.46 9.24 -3.01
C ILE A 250 -12.38 9.59 -4.49
N LEU A 251 -12.82 10.78 -4.86
CA LEU A 251 -12.77 11.20 -6.26
C LEU A 251 -11.33 11.23 -6.74
N GLN A 252 -10.43 11.79 -5.94
CA GLN A 252 -9.04 11.87 -6.33
C GLN A 252 -8.41 10.49 -6.40
N MET A 253 -8.73 9.62 -5.45
CA MET A 253 -8.21 8.25 -5.52
C MET A 253 -8.67 7.55 -6.79
N ASN A 254 -9.95 7.71 -7.14
CA ASN A 254 -10.47 7.07 -8.35
C ASN A 254 -9.81 7.63 -9.60
N LEU A 255 -9.67 8.95 -9.69
CA LEU A 255 -9.04 9.55 -10.85
C LEU A 255 -7.59 9.12 -10.98
N ARG A 256 -6.89 8.95 -9.86
CA ARG A 256 -5.53 8.43 -9.92
C ARG A 256 -5.51 6.98 -10.33
N GLU A 257 -6.53 6.21 -9.93
CA GLU A 257 -6.61 4.81 -10.31
C GLU A 257 -6.84 4.65 -11.81
N TYR A 258 -7.62 5.54 -12.41
CA TYR A 258 -7.87 5.48 -13.84
C TYR A 258 -6.89 6.29 -14.66
N ASN A 259 -5.79 6.75 -14.06
CA ASN A 259 -4.68 7.39 -14.75
C ASN A 259 -5.02 8.79 -15.26
N LEU A 260 -6.17 9.35 -14.88
CA LEU A 260 -6.48 10.71 -15.27
C LEU A 260 -5.67 11.72 -14.47
N VAL A 261 -5.41 11.43 -13.19
CA VAL A 261 -4.77 12.38 -12.30
C VAL A 261 -5.59 13.65 -12.22
N GLU B 9 22.40 8.66 49.49
CA GLU B 9 20.95 8.33 49.41
C GLU B 9 20.75 7.00 48.67
N LEU B 10 20.92 7.02 47.35
CA LEU B 10 20.81 5.83 46.51
C LEU B 10 22.09 5.55 45.74
N ASP B 11 23.23 6.09 46.20
CA ASP B 11 24.49 5.92 45.48
C ASP B 11 24.89 4.46 45.40
N GLN B 12 24.76 3.71 46.50
CA GLN B 12 25.12 2.30 46.47
C GLN B 12 24.23 1.52 45.50
N LEU B 13 22.92 1.78 45.52
CA LEU B 13 22.01 1.09 44.61
C LEU B 13 22.38 1.40 43.16
N ARG B 14 22.63 2.67 42.85
CA ARG B 14 23.00 3.04 41.49
C ARG B 14 24.29 2.36 41.07
N GLN B 15 25.30 2.37 41.94
CA GLN B 15 26.59 1.78 41.61
C GLN B 15 26.45 0.29 41.34
N GLU B 16 25.74 -0.42 42.22
CA GLU B 16 25.57 -1.86 42.03
C GLU B 16 24.79 -2.16 40.76
N ALA B 17 23.73 -1.40 40.50
CA ALA B 17 22.94 -1.63 39.30
C ALA B 17 23.77 -1.41 38.04
N GLU B 18 24.60 -0.36 38.03
CA GLU B 18 25.45 -0.12 36.87
C GLU B 18 26.52 -1.20 36.72
N GLN B 19 27.09 -1.67 37.83
CA GLN B 19 28.19 -2.62 37.74
C GLN B 19 27.71 -4.01 37.36
N LEU B 20 26.48 -4.36 37.73
CA LEU B 20 25.97 -5.69 37.41
C LEU B 20 25.87 -5.91 35.91
N LYS B 21 25.53 -4.85 35.15
CA LYS B 21 25.47 -4.97 33.70
C LYS B 21 26.82 -5.41 33.13
N ASN B 22 27.90 -4.75 33.55
CA ASN B 22 29.23 -5.14 33.09
C ASN B 22 29.59 -6.53 33.60
N GLN B 23 29.15 -6.88 34.81
CA GLN B 23 29.41 -8.22 35.33
C GLN B 23 28.84 -9.27 34.39
N ILE B 24 27.61 -9.06 33.91
CA ILE B 24 27.00 -10.01 32.98
C ILE B 24 27.69 -9.96 31.63
N ARG B 25 28.01 -8.75 31.16
CA ARG B 25 28.58 -8.59 29.83
C ARG B 25 29.94 -9.28 29.71
N ASP B 26 30.77 -9.16 30.74
CA ASP B 26 32.09 -9.79 30.72
C ASP B 26 31.97 -11.31 30.67
N ALA B 27 31.04 -11.88 31.44
CA ALA B 27 30.83 -13.32 31.39
C ALA B 27 30.37 -13.75 30.02
N ARG B 28 29.46 -12.98 29.40
CA ARG B 28 29.02 -13.30 28.05
C ARG B 28 30.19 -13.29 27.08
N LYS B 29 31.02 -12.24 27.15
CA LYS B 29 32.17 -12.15 26.25
C LYS B 29 33.12 -13.32 26.44
N ALA B 30 33.38 -13.70 27.69
CA ALA B 30 34.24 -14.84 27.95
C ALA B 30 33.64 -16.12 27.36
N CYS B 31 32.32 -16.31 27.55
CA CYS B 31 31.66 -17.47 26.98
C CYS B 31 31.66 -17.44 25.46
N ALA B 32 31.92 -16.29 24.85
CA ALA B 32 31.94 -16.19 23.40
C ALA B 32 33.18 -16.89 22.85
N ASP B 33 33.18 -18.22 22.86
CA ASP B 33 34.35 -18.98 22.46
C ASP B 33 34.68 -18.78 20.98
N ALA B 34 33.69 -18.98 20.11
CA ALA B 34 33.94 -18.88 18.67
C ALA B 34 32.62 -18.58 17.97
N THR B 35 32.67 -17.71 16.97
CA THR B 35 31.47 -17.34 16.24
C THR B 35 30.92 -18.54 15.47
N LEU B 36 29.60 -18.60 15.35
CA LEU B 36 28.96 -19.74 14.69
C LEU B 36 29.48 -19.93 13.28
N SER B 37 29.86 -18.85 12.59
CA SER B 37 30.37 -18.99 11.23
C SER B 37 31.65 -19.82 11.22
N GLN B 38 32.55 -19.58 12.17
CA GLN B 38 33.80 -20.33 12.21
C GLN B 38 33.55 -21.82 12.42
N ILE B 39 32.43 -22.18 13.05
CA ILE B 39 32.11 -23.59 13.26
C ILE B 39 31.33 -24.15 12.08
N THR B 40 30.67 -23.29 11.31
CA THR B 40 29.88 -23.72 10.16
C THR B 40 30.50 -23.34 8.83
N ASN B 41 31.80 -23.04 8.80
CA ASN B 41 32.42 -22.58 7.56
C ASN B 41 32.38 -23.65 6.47
N ASN B 42 32.58 -24.91 6.83
CA ASN B 42 32.75 -25.97 5.85
C ASN B 42 31.48 -26.75 5.53
N ILE B 43 30.39 -26.51 6.26
CA ILE B 43 29.21 -27.35 6.10
C ILE B 43 28.45 -26.94 4.84
N ASP B 44 27.81 -27.92 4.20
CA ASP B 44 27.25 -27.72 2.88
C ASP B 44 26.12 -26.68 2.91
N PRO B 45 25.92 -25.96 1.80
CA PRO B 45 24.76 -25.07 1.74
C PRO B 45 23.48 -25.82 1.42
N VAL B 46 22.35 -25.21 1.76
CA VAL B 46 21.07 -25.80 1.43
C VAL B 46 20.86 -25.88 -0.06
N GLY B 47 21.56 -25.05 -0.82
CA GLY B 47 21.32 -24.93 -2.24
C GLY B 47 20.39 -23.76 -2.51
N ARG B 48 19.51 -23.88 -3.49
CA ARG B 48 18.52 -22.85 -3.76
C ARG B 48 17.15 -23.49 -3.72
N ILE B 49 16.29 -22.96 -2.86
CA ILE B 49 14.98 -23.54 -2.60
C ILE B 49 14.00 -22.85 -3.55
N GLN B 50 13.44 -23.61 -4.47
CA GLN B 50 12.49 -23.07 -5.45
C GLN B 50 11.06 -23.32 -4.97
N MET B 51 10.70 -22.80 -3.81
CA MET B 51 9.36 -23.03 -3.29
C MET B 51 8.34 -22.29 -4.14
N ARG B 52 7.23 -22.96 -4.43
CA ARG B 52 6.18 -22.42 -5.28
C ARG B 52 4.90 -22.27 -4.48
N THR B 53 4.12 -21.24 -4.80
CA THR B 53 2.82 -21.04 -4.19
C THR B 53 1.88 -22.13 -4.68
N ARG B 54 1.44 -23.01 -3.78
CA ARG B 54 0.57 -24.12 -4.15
C ARG B 54 -0.90 -23.73 -4.10
N ARG B 55 -1.34 -23.07 -3.04
CA ARG B 55 -2.73 -22.65 -2.89
C ARG B 55 -2.77 -21.16 -2.59
N THR B 56 -3.85 -20.51 -3.03
CA THR B 56 -4.13 -19.13 -2.70
C THR B 56 -5.54 -19.04 -2.14
N LEU B 57 -5.67 -18.46 -0.95
CA LEU B 57 -6.92 -18.47 -0.20
C LEU B 57 -7.52 -17.07 -0.25
N ARG B 58 -8.76 -16.97 -0.73
CA ARG B 58 -9.41 -15.69 -1.01
C ARG B 58 -10.76 -15.68 -0.31
N GLY B 59 -11.18 -14.50 0.13
CA GLY B 59 -12.42 -14.37 0.87
C GLY B 59 -12.35 -13.33 1.96
N HIS B 60 -11.15 -13.06 2.47
CA HIS B 60 -11.00 -11.96 3.41
C HIS B 60 -11.24 -10.63 2.70
N LEU B 61 -11.94 -9.73 3.37
CA LEU B 61 -12.26 -8.44 2.79
C LEU B 61 -11.16 -7.41 2.98
N ALA B 62 -10.35 -7.54 4.02
CA ALA B 62 -9.37 -6.51 4.35
C ALA B 62 -8.02 -7.12 4.71
N LYS B 63 -7.13 -6.30 5.25
CA LYS B 63 -5.78 -6.74 5.54
C LYS B 63 -5.81 -7.94 6.48
N ILE B 64 -4.96 -8.92 6.20
CA ILE B 64 -4.80 -10.06 7.11
C ILE B 64 -3.69 -9.74 8.09
N TYR B 65 -4.01 -9.78 9.38
CA TYR B 65 -3.04 -9.45 10.41
C TYR B 65 -2.45 -10.66 11.09
N ALA B 66 -3.17 -11.79 11.14
CA ALA B 66 -2.68 -12.95 11.86
C ALA B 66 -3.19 -14.21 11.18
N MET B 67 -2.41 -15.28 11.34
CA MET B 67 -2.74 -16.59 10.81
C MET B 67 -2.06 -17.63 11.68
N HIS B 68 -2.74 -18.76 11.88
CA HIS B 68 -2.16 -19.84 12.67
C HIS B 68 -2.65 -21.17 12.14
N TRP B 69 -1.84 -22.20 12.35
CA TRP B 69 -2.14 -23.56 11.90
C TRP B 69 -2.70 -24.38 13.04
N GLY B 70 -3.38 -25.47 12.70
CA GLY B 70 -3.79 -26.43 13.70
C GLY B 70 -2.74 -27.50 13.90
N THR B 71 -2.94 -28.29 14.96
CA THR B 71 -1.98 -29.35 15.26
C THR B 71 -1.93 -30.40 14.16
N ASP B 72 -3.04 -30.59 13.44
CA ASP B 72 -3.12 -31.62 12.42
C ASP B 72 -2.57 -31.18 11.08
N SER B 73 -2.10 -29.94 10.95
CA SER B 73 -1.43 -29.44 9.75
C SER B 73 -2.37 -29.35 8.55
N ARG B 74 -3.67 -29.31 8.79
CA ARG B 74 -4.65 -29.20 7.70
C ARG B 74 -5.49 -27.95 7.85
N LEU B 75 -6.02 -27.71 9.05
CA LEU B 75 -6.91 -26.58 9.27
C LEU B 75 -6.11 -25.32 9.57
N LEU B 76 -6.60 -24.19 9.08
CA LEU B 76 -5.88 -22.93 9.13
C LEU B 76 -6.84 -21.83 9.57
N VAL B 77 -6.43 -21.05 10.56
CA VAL B 77 -7.21 -19.93 11.08
C VAL B 77 -6.52 -18.63 10.70
N SER B 78 -7.30 -17.64 10.26
CA SER B 78 -6.76 -16.35 9.88
C SER B 78 -7.74 -15.27 10.29
N ALA B 79 -7.20 -14.14 10.74
CA ALA B 79 -8.00 -13.01 11.22
C ALA B 79 -7.73 -11.79 10.35
N SER B 80 -8.80 -11.17 9.86
CA SER B 80 -8.69 -9.98 9.05
C SER B 80 -9.29 -8.80 9.80
N GLN B 81 -8.84 -7.60 9.44
CA GLN B 81 -9.26 -6.40 10.16
C GLN B 81 -10.61 -5.90 9.65
N ASP B 82 -11.31 -6.72 8.89
CA ASP B 82 -12.70 -6.46 8.53
C ASP B 82 -13.68 -7.10 9.50
N GLY B 83 -13.18 -7.78 10.53
CA GLY B 83 -14.04 -8.37 11.53
C GLY B 83 -14.44 -9.80 11.25
N LYS B 84 -13.53 -10.61 10.72
CA LYS B 84 -13.82 -12.00 10.40
C LYS B 84 -12.63 -12.87 10.78
N LEU B 85 -12.92 -14.07 11.29
CA LEU B 85 -11.91 -15.05 11.64
C LEU B 85 -12.30 -16.35 10.92
N ILE B 86 -11.70 -16.58 9.76
CA ILE B 86 -12.05 -17.69 8.89
C ILE B 86 -11.17 -18.89 9.23
N ILE B 87 -11.75 -20.08 9.20
CA ILE B 87 -11.00 -21.32 9.29
C ILE B 87 -11.02 -21.99 7.91
N TRP B 88 -9.86 -22.10 7.30
CA TRP B 88 -9.73 -22.68 5.96
C TRP B 88 -9.33 -24.14 6.05
N ASP B 89 -9.76 -24.91 5.06
CA ASP B 89 -9.23 -26.25 4.85
C ASP B 89 -8.15 -26.16 3.77
N SER B 90 -6.89 -26.20 4.20
CA SER B 90 -5.79 -25.90 3.29
C SER B 90 -5.72 -26.89 2.13
N TYR B 91 -5.93 -28.18 2.38
CA TYR B 91 -5.88 -29.15 1.31
C TYR B 91 -6.93 -28.87 0.25
N THR B 92 -8.16 -28.56 0.67
CA THR B 92 -9.27 -28.39 -0.25
C THR B 92 -9.50 -26.95 -0.65
N THR B 93 -8.93 -25.98 0.07
CA THR B 93 -9.13 -24.55 -0.11
C THR B 93 -10.52 -24.10 0.31
N ASN B 94 -11.35 -24.98 0.85
CA ASN B 94 -12.68 -24.62 1.30
C ASN B 94 -12.60 -23.96 2.67
N LYS B 95 -13.71 -23.37 3.08
CA LYS B 95 -13.84 -22.80 4.41
C LYS B 95 -14.67 -23.72 5.29
N VAL B 96 -14.47 -23.60 6.60
CA VAL B 96 -15.19 -24.38 7.58
C VAL B 96 -16.08 -23.51 8.45
N HIS B 97 -15.58 -22.35 8.86
CA HIS B 97 -16.30 -21.45 9.75
C HIS B 97 -15.92 -20.02 9.39
N ALA B 98 -16.83 -19.10 9.68
CA ALA B 98 -16.60 -17.67 9.48
C ALA B 98 -17.13 -16.93 10.70
N ILE B 99 -16.26 -16.66 11.65
CA ILE B 99 -16.63 -16.13 12.96
C ILE B 99 -16.68 -14.61 12.85
N PRO B 100 -17.83 -13.98 13.04
CA PRO B 100 -17.89 -12.51 13.02
C PRO B 100 -17.45 -11.94 14.36
N LEU B 101 -16.50 -11.02 14.32
CA LEU B 101 -15.93 -10.45 15.53
C LEU B 101 -16.70 -9.19 15.94
N ARG B 102 -16.85 -9.01 17.25
CA ARG B 102 -17.51 -7.82 17.77
C ARG B 102 -16.70 -6.55 17.53
N SER B 103 -15.40 -6.68 17.29
CA SER B 103 -14.54 -5.55 16.97
C SER B 103 -13.75 -5.86 15.72
N SER B 104 -13.58 -4.85 14.85
CA SER B 104 -12.96 -5.09 13.56
C SER B 104 -11.45 -5.08 13.63
N TRP B 105 -10.89 -4.72 14.78
CA TRP B 105 -9.45 -4.45 14.89
C TRP B 105 -8.65 -5.61 15.46
N VAL B 106 -9.02 -6.84 15.12
CA VAL B 106 -8.25 -8.00 15.52
C VAL B 106 -6.80 -7.81 15.11
N MET B 107 -5.89 -8.32 15.93
CA MET B 107 -4.47 -8.27 15.65
C MET B 107 -3.74 -9.59 15.82
N THR B 108 -4.39 -10.61 16.37
CA THR B 108 -3.74 -11.90 16.56
C THR B 108 -4.77 -13.00 16.50
N CYS B 109 -4.32 -14.21 16.19
CA CYS B 109 -5.19 -15.38 16.20
C CYS B 109 -4.37 -16.59 16.64
N ALA B 110 -5.06 -17.58 17.20
CA ALA B 110 -4.41 -18.79 17.65
C ALA B 110 -5.38 -19.95 17.56
N TYR B 111 -4.83 -21.13 17.29
CA TYR B 111 -5.56 -22.38 17.24
C TYR B 111 -5.20 -23.21 18.46
N ALA B 112 -6.20 -23.57 19.26
CA ALA B 112 -5.91 -24.42 20.41
C ALA B 112 -5.34 -25.74 19.93
N PRO B 113 -4.38 -26.32 20.65
CA PRO B 113 -3.81 -27.61 20.19
C PRO B 113 -4.86 -28.67 19.97
N SER B 114 -5.87 -28.74 20.83
CA SER B 114 -6.93 -29.73 20.65
C SER B 114 -7.81 -29.40 19.45
N GLY B 115 -7.82 -28.14 19.03
CA GLY B 115 -8.65 -27.72 17.92
C GLY B 115 -10.06 -27.33 18.28
N ASN B 116 -10.45 -27.47 19.56
CA ASN B 116 -11.82 -27.16 19.95
C ASN B 116 -12.06 -25.67 20.08
N TYR B 117 -11.02 -24.88 20.37
CA TYR B 117 -11.17 -23.45 20.59
C TYR B 117 -10.25 -22.69 19.67
N VAL B 118 -10.61 -21.42 19.41
CA VAL B 118 -9.81 -20.50 18.63
C VAL B 118 -9.90 -19.13 19.28
N ALA B 119 -8.77 -18.42 19.30
CA ALA B 119 -8.64 -17.16 20.03
C ALA B 119 -8.33 -16.02 19.07
N CYS B 120 -8.72 -14.81 19.47
CA CYS B 120 -8.40 -13.61 18.71
C CYS B 120 -8.57 -12.39 19.60
N GLY B 121 -7.96 -11.29 19.19
CA GLY B 121 -8.06 -10.04 19.92
C GLY B 121 -7.31 -8.95 19.19
N GLY B 122 -7.39 -7.75 19.75
CA GLY B 122 -6.75 -6.60 19.16
C GLY B 122 -6.91 -5.32 19.96
N LEU B 123 -7.23 -4.21 19.28
CA LEU B 123 -7.35 -2.92 19.96
C LEU B 123 -8.48 -2.91 20.97
N ASP B 124 -9.41 -3.86 20.90
CA ASP B 124 -10.44 -3.96 21.92
C ASP B 124 -9.88 -4.30 23.28
N ASN B 125 -8.62 -4.76 23.34
CA ASN B 125 -7.93 -5.07 24.58
C ASN B 125 -8.51 -6.32 25.24
N ILE B 126 -9.51 -6.94 24.59
CA ILE B 126 -10.12 -8.15 25.12
C ILE B 126 -9.71 -9.33 24.26
N CYS B 127 -9.26 -10.40 24.91
CA CYS B 127 -8.93 -11.65 24.23
C CYS B 127 -10.16 -12.54 24.27
N SER B 128 -10.72 -12.82 23.10
CA SER B 128 -11.97 -13.55 22.97
C SER B 128 -11.68 -14.98 22.52
N ILE B 129 -12.20 -15.94 23.26
CA ILE B 129 -12.02 -17.36 22.95
C ILE B 129 -13.32 -17.90 22.38
N TYR B 130 -13.22 -18.58 21.24
CA TYR B 130 -14.38 -19.12 20.55
C TYR B 130 -14.38 -20.63 20.62
N ASN B 131 -15.57 -21.22 20.53
CA ASN B 131 -15.76 -22.66 20.60
C ASN B 131 -16.27 -23.16 19.25
N LEU B 132 -15.54 -24.09 18.65
CA LEU B 132 -15.88 -24.64 17.35
C LEU B 132 -16.49 -26.02 17.44
N LYS B 133 -16.72 -26.54 18.64
CA LYS B 133 -17.32 -27.85 18.85
C LYS B 133 -18.44 -27.75 19.87
N THR B 134 -19.30 -26.75 19.69
CA THR B 134 -20.44 -26.56 20.58
C THR B 134 -21.48 -27.64 20.33
N ARG B 135 -22.28 -27.90 21.36
CA ARG B 135 -23.35 -28.89 21.23
C ARG B 135 -24.34 -28.46 20.15
N GLU B 136 -24.69 -27.18 20.11
CA GLU B 136 -25.57 -26.67 19.06
C GLU B 136 -24.93 -26.68 17.68
N GLY B 137 -23.60 -26.69 17.59
CA GLY B 137 -22.91 -26.80 16.34
C GLY B 137 -22.46 -25.50 15.71
N ASN B 138 -22.99 -24.36 16.14
CA ASN B 138 -22.64 -23.07 15.56
C ASN B 138 -21.56 -22.38 16.38
N VAL B 139 -20.56 -21.84 15.69
CA VAL B 139 -19.44 -21.20 16.36
C VAL B 139 -19.96 -20.04 17.20
N ARG B 140 -19.44 -19.92 18.41
CA ARG B 140 -19.91 -18.90 19.34
C ARG B 140 -18.82 -18.64 20.38
N VAL B 141 -18.86 -17.44 20.96
CA VAL B 141 -17.87 -17.09 21.98
C VAL B 141 -17.98 -18.05 23.16
N SER B 142 -16.86 -18.27 23.82
CA SER B 142 -16.82 -19.06 25.04
C SER B 142 -16.36 -18.27 26.25
N ARG B 143 -15.51 -17.26 26.05
CA ARG B 143 -15.13 -16.37 27.13
C ARG B 143 -14.54 -15.11 26.50
N GLU B 144 -14.61 -14.01 27.25
CA GLU B 144 -14.03 -12.73 26.86
C GLU B 144 -13.05 -12.33 27.95
N LEU B 145 -11.79 -12.72 27.79
CA LEU B 145 -10.78 -12.43 28.79
C LEU B 145 -10.50 -10.93 28.80
N ALA B 146 -10.59 -10.32 29.99
CA ALA B 146 -10.37 -8.90 30.16
C ALA B 146 -9.45 -8.69 31.34
N GLY B 147 -8.74 -7.56 31.34
CA GLY B 147 -7.78 -7.27 32.37
C GLY B 147 -6.55 -6.58 31.85
N HIS B 148 -6.25 -6.78 30.56
CA HIS B 148 -5.16 -6.05 29.94
C HIS B 148 -5.58 -4.63 29.62
N THR B 149 -4.65 -3.70 29.82
CA THR B 149 -4.87 -2.29 29.55
C THR B 149 -4.21 -1.86 28.25
N GLY B 150 -4.24 -2.73 27.25
CA GLY B 150 -3.61 -2.43 25.98
C GLY B 150 -4.05 -3.42 24.93
N TYR B 151 -3.73 -3.11 23.69
CA TYR B 151 -4.10 -3.97 22.57
C TYR B 151 -3.35 -5.29 22.65
N LEU B 152 -4.06 -6.38 22.36
CA LEU B 152 -3.48 -7.71 22.46
C LEU B 152 -2.64 -7.97 21.21
N SER B 153 -1.33 -8.10 21.39
CA SER B 153 -0.42 -8.26 20.27
C SER B 153 -0.30 -9.71 19.82
N CYS B 154 -0.25 -10.64 20.79
CA CYS B 154 -0.13 -12.05 20.45
C CYS B 154 -0.71 -12.87 21.59
N CYS B 155 -1.24 -14.04 21.23
CA CYS B 155 -1.79 -14.97 22.20
C CYS B 155 -1.57 -16.38 21.69
N ARG B 156 -1.16 -17.27 22.59
CA ARG B 156 -0.96 -18.67 22.24
C ARG B 156 -1.50 -19.54 23.36
N PHE B 157 -1.97 -20.72 23.00
CA PHE B 157 -2.56 -21.67 23.94
C PHE B 157 -1.47 -22.60 24.47
N LEU B 158 -1.50 -22.85 25.78
CA LEU B 158 -0.72 -23.94 26.34
C LEU B 158 -1.55 -25.23 26.37
N ASP B 159 -2.83 -25.11 26.72
CA ASP B 159 -3.78 -26.20 26.59
C ASP B 159 -5.17 -25.58 26.46
N ASP B 160 -6.20 -26.42 26.56
CA ASP B 160 -7.56 -25.95 26.30
C ASP B 160 -8.05 -24.96 27.36
N ASN B 161 -7.43 -24.93 28.53
CA ASN B 161 -7.87 -24.05 29.61
C ASN B 161 -6.88 -22.95 29.96
N GLN B 162 -5.73 -22.89 29.31
CA GLN B 162 -4.73 -21.86 29.57
C GLN B 162 -4.33 -21.22 28.25
N ILE B 163 -4.28 -19.88 28.24
CA ILE B 163 -3.80 -19.11 27.11
C ILE B 163 -2.83 -18.06 27.63
N VAL B 164 -1.66 -17.97 27.01
CA VAL B 164 -0.68 -16.94 27.31
C VAL B 164 -0.88 -15.79 26.33
N THR B 165 -0.79 -14.56 26.82
CA THR B 165 -1.14 -13.39 26.03
C THR B 165 -0.08 -12.32 26.19
N SER B 166 -0.02 -11.42 25.20
CA SER B 166 0.85 -10.25 25.23
C SER B 166 0.06 -9.03 24.83
N SER B 167 0.28 -7.93 25.55
CA SER B 167 -0.51 -6.71 25.37
C SER B 167 0.41 -5.52 25.18
N GLY B 168 -0.13 -4.46 24.57
CA GLY B 168 0.62 -3.24 24.35
C GLY B 168 0.90 -2.46 25.60
N ASP B 169 0.32 -2.84 26.74
CA ASP B 169 0.62 -2.18 28.01
C ASP B 169 1.93 -2.66 28.62
N THR B 170 2.79 -3.33 27.86
CA THR B 170 4.11 -3.77 28.28
C THR B 170 4.07 -4.90 29.31
N THR B 171 3.01 -5.71 29.30
CA THR B 171 2.91 -6.85 30.20
C THR B 171 2.40 -8.06 29.44
N CYS B 172 2.86 -9.24 29.87
CA CYS B 172 2.35 -10.51 29.40
C CYS B 172 1.59 -11.20 30.53
N ALA B 173 0.57 -11.96 30.15
CA ALA B 173 -0.34 -12.54 31.14
C ALA B 173 -0.66 -13.98 30.79
N LEU B 174 -0.96 -14.76 31.82
CA LEU B 174 -1.39 -16.15 31.69
C LEU B 174 -2.79 -16.27 32.25
N TRP B 175 -3.72 -16.77 31.44
CA TRP B 175 -5.13 -16.79 31.78
C TRP B 175 -5.60 -18.22 32.04
N ASP B 176 -6.66 -18.33 32.84
CA ASP B 176 -7.40 -19.57 33.04
C ASP B 176 -8.79 -19.36 32.47
N ILE B 177 -9.10 -20.04 31.38
CA ILE B 177 -10.32 -19.74 30.63
C ILE B 177 -11.57 -20.02 31.45
N GLU B 178 -11.63 -21.17 32.13
CA GLU B 178 -12.79 -21.48 32.95
C GLU B 178 -12.99 -20.45 34.05
N THR B 179 -11.90 -20.07 34.73
CA THR B 179 -11.99 -19.04 35.76
C THR B 179 -12.16 -17.66 35.15
N GLY B 180 -11.55 -17.43 33.98
CA GLY B 180 -11.68 -16.16 33.31
C GLY B 180 -10.83 -15.04 33.88
N GLN B 181 -9.84 -15.36 34.69
CA GLN B 181 -8.99 -14.34 35.30
C GLN B 181 -7.53 -14.79 35.23
N GLN B 182 -6.64 -13.82 35.34
CA GLN B 182 -5.22 -14.09 35.28
C GLN B 182 -4.78 -14.96 36.46
N THR B 183 -3.70 -15.69 36.26
CA THR B 183 -3.07 -16.46 37.32
C THR B 183 -1.64 -16.02 37.61
N THR B 184 -0.88 -15.64 36.59
CA THR B 184 0.46 -15.12 36.78
C THR B 184 0.69 -14.02 35.75
N THR B 185 1.32 -12.93 36.21
CA THR B 185 1.55 -11.77 35.37
C THR B 185 3.04 -11.57 35.16
N PHE B 186 3.42 -11.27 33.93
CA PHE B 186 4.82 -11.12 33.53
C PHE B 186 5.10 -9.64 33.29
N THR B 187 5.98 -9.07 34.10
CA THR B 187 6.37 -7.67 33.99
C THR B 187 7.88 -7.57 33.89
N GLY B 188 8.35 -6.53 33.23
CA GLY B 188 9.78 -6.33 33.03
C GLY B 188 10.11 -5.75 31.67
N HIS B 189 9.19 -5.88 30.72
CA HIS B 189 9.36 -5.22 29.44
C HIS B 189 9.21 -3.72 29.60
N THR B 190 10.02 -2.97 28.85
CA THR B 190 9.95 -1.51 28.88
C THR B 190 8.96 -0.96 27.86
N GLY B 191 8.74 -1.66 26.75
CA GLY B 191 7.86 -1.20 25.70
C GLY B 191 6.80 -2.24 25.37
N ASP B 192 6.05 -1.94 24.32
CA ASP B 192 4.97 -2.81 23.88
C ASP B 192 5.51 -4.19 23.54
N VAL B 193 4.94 -5.22 24.15
CA VAL B 193 5.31 -6.58 23.79
C VAL B 193 4.50 -7.01 22.57
N MET B 194 5.21 -7.47 21.53
CA MET B 194 4.62 -7.61 20.21
C MET B 194 4.41 -9.06 19.78
N SER B 195 5.02 -10.02 20.45
CA SER B 195 4.91 -11.41 20.00
C SER B 195 5.48 -12.33 21.06
N LEU B 196 5.02 -13.59 21.05
CA LEU B 196 5.53 -14.61 21.93
C LEU B 196 5.50 -15.95 21.21
N SER B 197 6.43 -16.84 21.59
CA SER B 197 6.49 -18.19 21.06
C SER B 197 6.67 -19.15 22.23
N LEU B 198 5.68 -20.00 22.44
CA LEU B 198 5.76 -20.98 23.52
C LEU B 198 6.80 -22.05 23.18
N ALA B 199 7.48 -22.54 24.20
CA ALA B 199 8.52 -23.53 23.99
C ALA B 199 7.90 -24.84 23.52
N PRO B 200 8.64 -25.63 22.74
CA PRO B 200 8.11 -26.95 22.34
C PRO B 200 7.72 -27.82 23.52
N ASP B 201 8.43 -27.71 24.63
CA ASP B 201 8.11 -28.43 25.86
C ASP B 201 7.14 -27.65 26.75
N THR B 202 6.61 -26.53 26.27
CA THR B 202 5.61 -25.69 26.93
C THR B 202 5.93 -25.41 28.39
N ARG B 203 7.20 -25.41 28.78
CA ARG B 203 7.55 -24.99 30.13
C ARG B 203 7.98 -23.53 30.18
N LEU B 204 8.51 -23.00 29.08
CA LEU B 204 8.99 -21.63 29.00
C LEU B 204 8.45 -20.99 27.73
N PHE B 205 8.44 -19.66 27.71
CA PHE B 205 8.07 -18.93 26.52
C PHE B 205 8.78 -17.59 26.51
N VAL B 206 9.09 -17.11 25.31
CA VAL B 206 9.91 -15.92 25.10
C VAL B 206 9.11 -14.91 24.30
N SER B 207 9.24 -13.64 24.67
CA SER B 207 8.48 -12.56 24.06
C SER B 207 9.40 -11.39 23.73
N GLY B 208 9.18 -10.79 22.57
CA GLY B 208 9.95 -9.64 22.13
C GLY B 208 9.09 -8.39 22.16
N ALA B 209 9.68 -7.28 22.58
CA ALA B 209 8.96 -6.05 22.82
C ALA B 209 9.57 -4.92 22.02
N CYS B 210 8.90 -3.76 22.05
CA CYS B 210 9.42 -2.55 21.43
C CYS B 210 10.42 -1.83 22.32
N ASP B 211 11.43 -2.57 22.79
CA ASP B 211 12.53 -2.00 23.56
C ASP B 211 13.87 -2.58 23.12
N ALA B 212 13.93 -3.19 21.94
CA ALA B 212 15.15 -3.81 21.45
C ALA B 212 15.63 -4.91 22.37
N SER B 213 14.71 -5.74 22.86
CA SER B 213 15.08 -6.85 23.72
C SER B 213 13.99 -7.92 23.65
N ALA B 214 14.40 -9.14 23.97
CA ALA B 214 13.50 -10.27 24.13
C ALA B 214 13.78 -10.91 25.49
N LYS B 215 12.74 -11.45 26.10
CA LYS B 215 12.83 -11.93 27.47
C LYS B 215 12.29 -13.35 27.57
N LEU B 216 12.93 -14.16 28.39
CA LEU B 216 12.54 -15.55 28.62
C LEU B 216 11.84 -15.67 29.96
N TRP B 217 10.63 -16.21 29.94
CA TRP B 217 9.78 -16.30 31.12
C TRP B 217 9.60 -17.75 31.51
N ASP B 218 9.18 -17.98 32.75
CA ASP B 218 8.83 -19.31 33.22
C ASP B 218 7.33 -19.36 33.47
N VAL B 219 6.64 -20.27 32.79
CA VAL B 219 5.19 -20.30 32.83
C VAL B 219 4.70 -20.62 34.23
N ARG B 220 5.40 -21.49 34.95
CA ARG B 220 4.98 -21.88 36.29
C ARG B 220 5.33 -20.83 37.33
N GLU B 221 6.61 -20.45 37.41
CA GLU B 221 7.06 -19.53 38.45
C GLU B 221 6.69 -18.08 38.17
N GLY B 222 6.69 -17.66 36.90
CA GLY B 222 6.42 -16.29 36.55
C GLY B 222 7.61 -15.36 36.58
N MET B 223 8.78 -15.84 36.99
CA MET B 223 9.97 -15.01 37.04
C MET B 223 10.55 -14.82 35.64
N CYS B 224 11.40 -13.80 35.50
CA CYS B 224 12.15 -13.57 34.28
C CYS B 224 13.50 -14.28 34.38
N ARG B 225 13.75 -15.21 33.47
CA ARG B 225 14.99 -15.98 33.51
C ARG B 225 16.13 -15.28 32.79
N GLN B 226 15.85 -14.65 31.65
CA GLN B 226 16.91 -14.08 30.84
C GLN B 226 16.33 -12.98 29.97
N THR B 227 17.10 -11.91 29.80
CA THR B 227 16.77 -10.83 28.89
C THR B 227 17.80 -10.80 27.78
N PHE B 228 17.33 -10.82 26.53
CA PHE B 228 18.21 -10.89 25.37
C PHE B 228 18.15 -9.57 24.61
N THR B 229 19.32 -9.03 24.28
CA THR B 229 19.43 -7.76 23.58
C THR B 229 20.42 -7.91 22.44
N GLY B 230 20.47 -6.88 21.59
CA GLY B 230 21.36 -6.89 20.46
C GLY B 230 20.73 -6.25 19.23
N HIS B 231 19.40 -6.30 19.16
CA HIS B 231 18.69 -5.60 18.10
C HIS B 231 18.77 -4.10 18.34
N GLU B 232 18.52 -3.33 17.28
CA GLU B 232 18.62 -1.89 17.35
C GLU B 232 17.27 -1.20 17.44
N SER B 233 16.19 -1.88 17.10
CA SER B 233 14.87 -1.26 17.06
C SER B 233 13.84 -2.24 17.59
N ASP B 234 12.57 -1.95 17.35
CA ASP B 234 11.49 -2.78 17.86
C ASP B 234 11.60 -4.20 17.29
N ILE B 235 11.22 -5.18 18.11
CA ILE B 235 11.16 -6.57 17.67
C ILE B 235 9.71 -6.90 17.33
N ASN B 236 9.49 -7.39 16.12
CA ASN B 236 8.13 -7.67 15.64
C ASN B 236 7.82 -9.15 15.55
N ALA B 237 8.82 -10.02 15.60
CA ALA B 237 8.60 -11.44 15.44
C ALA B 237 9.55 -12.21 16.34
N ILE B 238 9.07 -13.39 16.77
CA ILE B 238 9.85 -14.29 17.60
C ILE B 238 9.43 -15.71 17.22
N CYS B 239 10.39 -16.62 17.24
CA CYS B 239 10.10 -18.03 16.96
C CYS B 239 11.15 -18.89 17.61
N PHE B 240 10.70 -19.92 18.32
CA PHE B 240 11.62 -20.87 18.94
C PHE B 240 12.25 -21.77 17.90
N PHE B 241 13.55 -21.98 18.03
CA PHE B 241 14.21 -23.02 17.26
C PHE B 241 13.61 -24.37 17.67
N PRO B 242 13.32 -25.26 16.72
CA PRO B 242 12.54 -26.46 17.07
C PRO B 242 13.12 -27.24 18.23
N ASN B 243 14.44 -27.29 18.37
CA ASN B 243 15.04 -27.99 19.50
C ASN B 243 14.62 -27.40 20.84
N GLY B 244 14.19 -26.13 20.86
CA GLY B 244 13.80 -25.48 22.08
C GLY B 244 14.93 -24.82 22.85
N ASN B 245 16.14 -24.80 22.29
CA ASN B 245 17.29 -24.19 22.93
C ASN B 245 17.75 -22.92 22.23
N ALA B 246 16.94 -22.36 21.33
CA ALA B 246 17.27 -21.13 20.64
C ALA B 246 16.00 -20.52 20.09
N PHE B 247 16.09 -19.24 19.72
CA PHE B 247 14.95 -18.52 19.17
C PHE B 247 15.45 -17.40 18.28
N ALA B 248 14.71 -17.15 17.20
CA ALA B 248 15.04 -16.11 16.23
C ALA B 248 14.20 -14.88 16.47
N THR B 249 14.73 -13.73 16.04
CA THR B 249 14.11 -12.44 16.30
C THR B 249 13.93 -11.68 15.00
N GLY B 250 12.81 -10.97 14.89
CA GLY B 250 12.57 -10.08 13.78
C GLY B 250 12.33 -8.67 14.32
N SER B 251 12.87 -7.69 13.61
CA SER B 251 12.92 -6.33 14.12
C SER B 251 12.79 -5.32 13.00
N ASP B 252 12.58 -4.06 13.39
CA ASP B 252 12.45 -2.99 12.42
C ASP B 252 13.78 -2.50 11.89
N ASP B 253 14.90 -2.99 12.40
CA ASP B 253 16.20 -2.61 11.87
C ASP B 253 16.62 -3.46 10.68
N ALA B 254 15.68 -4.15 10.04
CA ALA B 254 15.93 -4.89 8.81
C ALA B 254 16.93 -6.02 8.99
N THR B 255 17.02 -6.58 10.18
CA THR B 255 17.87 -7.74 10.42
C THR B 255 17.14 -8.76 11.30
N CYS B 256 17.52 -10.01 11.13
CA CYS B 256 17.06 -11.12 11.96
C CYS B 256 18.26 -11.72 12.69
N ARG B 257 18.07 -12.07 13.95
CA ARG B 257 19.16 -12.59 14.77
C ARG B 257 18.69 -13.83 15.50
N LEU B 258 19.64 -14.73 15.74
CA LEU B 258 19.38 -16.00 16.41
C LEU B 258 20.05 -15.98 17.77
N PHE B 259 19.27 -16.21 18.82
CA PHE B 259 19.76 -16.21 20.18
C PHE B 259 19.69 -17.61 20.75
N ASP B 260 20.62 -17.93 21.66
CA ASP B 260 20.69 -19.24 22.29
C ASP B 260 20.51 -19.10 23.79
N LEU B 261 19.60 -19.91 24.35
CA LEU B 261 19.25 -19.77 25.76
C LEU B 261 20.45 -20.04 26.67
N ARG B 262 21.19 -21.12 26.42
CA ARG B 262 22.31 -21.48 27.28
C ARG B 262 23.48 -20.53 27.14
N ALA B 263 23.88 -20.21 25.91
CA ALA B 263 24.98 -19.27 25.70
C ALA B 263 24.64 -17.86 26.17
N ASP B 264 23.37 -17.45 26.08
CA ASP B 264 22.92 -16.16 26.58
C ASP B 264 23.42 -15.01 25.72
N GLN B 265 23.57 -15.24 24.42
CA GLN B 265 24.01 -14.17 23.52
C GLN B 265 23.66 -14.53 22.09
N GLU B 266 23.69 -13.52 21.24
CA GLU B 266 23.41 -13.69 19.82
C GLU B 266 24.41 -14.66 19.20
N LEU B 267 23.92 -15.54 18.33
CA LEU B 267 24.78 -16.54 17.71
C LEU B 267 24.99 -16.28 16.22
N MET B 268 24.07 -15.58 15.57
CA MET B 268 24.20 -15.29 14.15
C MET B 268 23.25 -14.16 13.79
N THR B 269 23.66 -13.35 12.83
CA THR B 269 22.87 -12.23 12.34
C THR B 269 22.59 -12.41 10.86
N TYR B 270 21.33 -12.23 10.48
CA TYR B 270 20.86 -12.42 9.11
C TYR B 270 20.46 -11.06 8.56
N SER B 271 21.30 -10.51 7.69
CA SER B 271 21.06 -9.18 7.15
C SER B 271 21.69 -9.08 5.78
N HIS B 272 21.22 -8.10 5.01
CA HIS B 272 21.79 -7.82 3.70
C HIS B 272 21.71 -6.33 3.46
N ASP B 273 22.71 -5.80 2.77
CA ASP B 273 22.78 -4.37 2.51
C ASP B 273 21.62 -3.86 1.67
N ASN B 274 21.04 -4.69 0.82
CA ASN B 274 19.91 -4.26 -0.01
C ASN B 274 18.59 -4.34 0.73
N ILE B 275 18.57 -4.87 1.95
CA ILE B 275 17.36 -4.96 2.76
C ILE B 275 17.40 -3.79 3.73
N ILE B 276 16.49 -2.82 3.52
CA ILE B 276 16.35 -1.69 4.42
C ILE B 276 14.97 -1.64 5.08
N CYS B 277 14.18 -2.71 4.95
CA CYS B 277 12.83 -2.77 5.48
C CYS B 277 12.78 -3.77 6.62
N GLY B 278 11.76 -3.63 7.45
CA GLY B 278 11.70 -4.41 8.68
C GLY B 278 11.22 -5.83 8.46
N ILE B 279 11.44 -6.66 9.48
CA ILE B 279 10.92 -8.03 9.50
C ILE B 279 9.58 -8.02 10.21
N THR B 280 8.58 -8.66 9.60
CA THR B 280 7.25 -8.70 10.16
C THR B 280 6.88 -10.05 10.76
N SER B 281 7.52 -11.13 10.30
CA SER B 281 7.25 -12.46 10.83
C SER B 281 8.49 -13.32 10.69
N VAL B 282 8.67 -14.26 11.62
CA VAL B 282 9.79 -15.18 11.60
C VAL B 282 9.29 -16.56 11.97
N SER B 283 9.73 -17.58 11.23
CA SER B 283 9.34 -18.95 11.50
C SER B 283 10.38 -19.91 10.94
N PHE B 284 10.81 -20.87 11.76
CA PHE B 284 11.75 -21.88 11.32
C PHE B 284 11.04 -22.97 10.53
N SER B 285 11.83 -23.82 9.89
CA SER B 285 11.31 -25.07 9.33
C SER B 285 11.31 -26.15 10.41
N LYS B 286 10.88 -27.34 10.04
CA LYS B 286 10.83 -28.42 11.02
C LYS B 286 12.21 -28.80 11.52
N SER B 287 13.19 -28.90 10.61
CA SER B 287 14.54 -29.31 11.01
C SER B 287 15.35 -28.17 11.58
N GLY B 288 14.90 -26.92 11.44
CA GLY B 288 15.64 -25.79 11.92
C GLY B 288 16.69 -25.25 10.97
N ARG B 289 16.87 -25.89 9.81
CA ARG B 289 17.91 -25.43 8.89
C ARG B 289 17.46 -24.18 8.14
N LEU B 290 16.17 -24.06 7.85
CA LEU B 290 15.63 -22.95 7.08
C LEU B 290 14.90 -21.98 8.00
N LEU B 291 15.24 -20.71 7.89
CA LEU B 291 14.59 -19.63 8.62
C LEU B 291 13.89 -18.74 7.61
N LEU B 292 12.58 -18.63 7.73
CA LEU B 292 11.76 -17.85 6.81
C LEU B 292 11.33 -16.57 7.51
N ALA B 293 11.60 -15.43 6.89
CA ALA B 293 11.31 -14.12 7.46
C ALA B 293 10.54 -13.28 6.45
N GLY B 294 9.37 -12.79 6.87
CA GLY B 294 8.59 -11.88 6.07
C GLY B 294 9.09 -10.46 6.25
N TYR B 295 8.89 -9.63 5.23
CA TYR B 295 9.42 -8.28 5.21
C TYR B 295 8.35 -7.30 4.75
N ASP B 296 8.58 -6.03 5.03
CA ASP B 296 7.66 -4.99 4.61
C ASP B 296 7.78 -4.69 3.11
N ASP B 297 8.81 -5.22 2.47
CA ASP B 297 8.98 -5.06 1.03
C ASP B 297 8.21 -6.11 0.24
N PHE B 298 7.24 -6.78 0.87
CA PHE B 298 6.33 -7.73 0.25
C PHE B 298 7.00 -9.07 0.00
N ASN B 299 8.25 -9.24 0.40
CA ASN B 299 9.01 -10.44 0.10
C ASN B 299 9.32 -11.22 1.37
N CYS B 300 9.16 -12.54 1.29
CA CYS B 300 9.56 -13.45 2.34
C CYS B 300 10.81 -14.18 1.87
N ASN B 301 11.91 -14.01 2.60
CA ASN B 301 13.20 -14.60 2.25
C ASN B 301 13.43 -15.85 3.09
N VAL B 302 14.30 -16.72 2.59
CA VAL B 302 14.65 -17.96 3.28
C VAL B 302 16.13 -17.90 3.62
N TRP B 303 16.43 -17.89 4.91
CA TRP B 303 17.79 -17.80 5.41
C TRP B 303 18.23 -19.16 5.90
N ASP B 304 19.41 -19.59 5.45
CA ASP B 304 20.04 -20.85 5.96
C ASP B 304 20.50 -20.56 7.37
N ALA B 305 19.88 -21.19 8.36
CA ALA B 305 20.06 -20.78 9.75
C ALA B 305 21.46 -21.05 10.27
N LEU B 306 22.27 -21.83 9.56
CA LEU B 306 23.62 -22.11 10.05
C LEU B 306 24.70 -21.30 9.34
N LYS B 307 24.45 -20.85 8.11
CA LYS B 307 25.43 -20.09 7.36
C LYS B 307 24.97 -18.67 7.02
N ALA B 308 23.77 -18.27 7.43
CA ALA B 308 23.26 -16.92 7.15
C ALA B 308 23.33 -16.62 5.65
N ASP B 309 22.94 -17.59 4.85
CA ASP B 309 22.90 -17.47 3.39
C ASP B 309 21.46 -17.45 2.94
N ARG B 310 21.09 -16.43 2.17
CA ARG B 310 19.74 -16.28 1.65
C ARG B 310 19.53 -17.31 0.55
N ALA B 311 18.79 -18.37 0.84
CA ALA B 311 18.65 -19.49 -0.07
C ALA B 311 17.44 -19.37 -0.98
N GLY B 312 16.63 -18.35 -0.85
CA GLY B 312 15.46 -18.21 -1.70
C GLY B 312 14.62 -17.04 -1.28
N VAL B 313 13.66 -16.71 -2.14
CA VAL B 313 12.71 -15.63 -1.90
C VAL B 313 11.34 -16.09 -2.37
N LEU B 314 10.33 -15.91 -1.52
CA LEU B 314 8.96 -16.28 -1.85
C LEU B 314 8.16 -15.07 -2.32
N ALA B 315 8.49 -14.59 -3.53
CA ALA B 315 7.89 -13.36 -4.04
C ALA B 315 6.53 -13.63 -4.67
N GLY B 316 5.45 -13.38 -3.92
CA GLY B 316 4.12 -13.55 -4.47
C GLY B 316 3.07 -12.59 -3.95
N HIS B 317 3.45 -11.63 -3.12
CA HIS B 317 2.49 -10.78 -2.43
C HIS B 317 2.65 -9.32 -2.85
N ASP B 318 1.52 -8.63 -2.92
CA ASP B 318 1.49 -7.17 -2.92
C ASP B 318 1.19 -6.71 -1.51
N ASN B 319 1.78 -5.59 -1.11
CA ASN B 319 1.62 -5.10 0.26
C ASN B 319 2.34 -6.02 1.22
N ARG B 320 2.60 -5.55 2.44
CA ARG B 320 3.54 -6.22 3.32
C ARG B 320 3.02 -7.59 3.74
N VAL B 321 3.95 -8.51 3.97
CA VAL B 321 3.61 -9.80 4.55
C VAL B 321 3.38 -9.61 6.04
N SER B 322 2.25 -10.10 6.53
CA SER B 322 1.89 -9.86 7.93
C SER B 322 2.29 -11.04 8.81
N CYS B 323 1.91 -12.25 8.42
CA CYS B 323 2.05 -13.41 9.27
C CYS B 323 2.73 -14.52 8.49
N LEU B 324 3.44 -15.38 9.23
CA LEU B 324 4.18 -16.48 8.63
C LEU B 324 4.04 -17.70 9.53
N GLY B 325 3.81 -18.85 8.93
CA GLY B 325 3.62 -20.06 9.70
C GLY B 325 4.02 -21.32 8.95
N VAL B 326 4.65 -22.26 9.66
CA VAL B 326 5.04 -23.55 9.12
C VAL B 326 4.19 -24.61 9.78
N THR B 327 3.73 -25.58 9.00
CA THR B 327 2.95 -26.67 9.55
C THR B 327 3.80 -27.47 10.53
N ASP B 328 3.15 -27.99 11.57
CA ASP B 328 3.87 -28.80 12.55
C ASP B 328 4.55 -29.97 11.88
N ASP B 329 3.92 -30.54 10.84
CA ASP B 329 4.54 -31.58 10.05
C ASP B 329 5.69 -31.06 9.20
N GLY B 330 5.63 -29.80 8.78
CA GLY B 330 6.67 -29.21 7.97
C GLY B 330 6.48 -29.31 6.48
N MET B 331 5.28 -29.68 6.02
CA MET B 331 5.06 -29.89 4.59
C MET B 331 4.65 -28.62 3.86
N ALA B 332 4.48 -27.51 4.57
CA ALA B 332 4.06 -26.28 3.91
C ALA B 332 4.33 -25.09 4.80
N VAL B 333 4.36 -23.91 4.18
CA VAL B 333 4.53 -22.64 4.86
C VAL B 333 3.38 -21.73 4.45
N ALA B 334 2.72 -21.12 5.42
CA ALA B 334 1.59 -20.24 5.18
C ALA B 334 2.05 -18.80 5.30
N THR B 335 1.66 -17.98 4.33
CA THR B 335 2.01 -16.56 4.30
C THR B 335 0.74 -15.74 4.17
N GLY B 336 0.53 -14.84 5.13
CA GLY B 336 -0.57 -13.90 5.08
C GLY B 336 -0.03 -12.49 4.91
N SER B 337 -0.76 -11.66 4.17
CA SER B 337 -0.29 -10.34 3.81
C SER B 337 -1.45 -9.38 3.74
N TRP B 338 -1.13 -8.09 3.82
CA TRP B 338 -2.13 -7.04 3.72
C TRP B 338 -2.80 -7.01 2.36
N ASP B 339 -2.37 -7.85 1.41
CA ASP B 339 -3.08 -7.98 0.15
C ASP B 339 -4.41 -8.71 0.33
N SER B 340 -4.68 -9.24 1.53
CA SER B 340 -5.93 -9.89 1.88
C SER B 340 -6.02 -11.32 1.37
N PHE B 341 -4.88 -11.92 0.99
CA PHE B 341 -4.84 -13.30 0.55
C PHE B 341 -3.84 -14.08 1.39
N LEU B 342 -4.12 -15.36 1.57
CA LEU B 342 -3.19 -16.30 2.19
C LEU B 342 -2.67 -17.25 1.14
N LYS B 343 -1.35 -17.44 1.10
CA LYS B 343 -0.71 -18.29 0.12
C LYS B 343 0.10 -19.37 0.83
N ILE B 344 -0.11 -20.61 0.42
CA ILE B 344 0.56 -21.77 0.98
C ILE B 344 1.71 -22.14 0.07
N TRP B 345 2.90 -22.33 0.64
CA TRP B 345 4.12 -22.55 -0.13
C TRP B 345 4.75 -23.87 0.29
N ASN B 346 5.30 -24.59 -0.69
CA ASN B 346 6.18 -25.72 -0.41
C ASN B 346 6.87 -26.20 -1.68
N THR C 6 13.98 8.99 50.88
CA THR C 6 13.21 9.34 49.66
C THR C 6 12.43 8.11 49.16
N ALA C 7 11.40 8.35 48.36
CA ALA C 7 10.49 7.28 47.97
C ALA C 7 11.09 6.39 46.88
N SER C 8 12.13 6.87 46.20
CA SER C 8 12.69 6.14 45.07
C SER C 8 13.42 4.86 45.48
N ILE C 9 13.64 4.66 46.78
CA ILE C 9 14.36 3.47 47.23
C ILE C 9 13.61 2.20 46.84
N ALA C 10 12.28 2.18 47.02
CA ALA C 10 11.51 0.99 46.69
C ALA C 10 11.59 0.68 45.20
N GLN C 11 11.52 1.71 44.36
CA GLN C 11 11.55 1.50 42.91
C GLN C 11 12.94 1.12 42.42
N ALA C 12 13.99 1.54 43.13
CA ALA C 12 15.35 1.30 42.63
C ALA C 12 15.72 -0.17 42.69
N ARG C 13 14.96 -1.00 43.41
CA ARG C 13 15.38 -2.38 43.65
C ARG C 13 15.21 -3.24 42.39
N LYS C 14 14.20 -2.96 41.58
CA LYS C 14 13.92 -3.79 40.42
C LYS C 14 14.93 -3.60 39.30
N LEU C 15 15.64 -2.47 39.26
CA LEU C 15 16.73 -2.34 38.31
C LEU C 15 17.82 -3.36 38.57
N VAL C 16 17.93 -3.83 39.82
CA VAL C 16 18.98 -4.77 40.21
C VAL C 16 18.44 -6.19 40.15
N GLU C 17 17.29 -6.42 40.78
CA GLU C 17 16.87 -7.77 41.14
C GLU C 17 16.86 -8.72 39.95
N GLN C 18 16.16 -8.34 38.87
CA GLN C 18 16.02 -9.25 37.73
C GLN C 18 17.37 -9.53 37.08
N LEU C 19 18.20 -8.50 36.90
CA LEU C 19 19.51 -8.72 36.32
C LEU C 19 20.37 -9.58 37.24
N LYS C 20 20.15 -9.51 38.55
CA LYS C 20 20.94 -10.32 39.47
C LYS C 20 20.55 -11.79 39.39
N MET C 21 19.25 -12.10 39.35
CA MET C 21 18.86 -13.47 39.07
C MET C 21 19.36 -13.92 37.70
N GLU C 22 19.41 -13.00 36.75
CA GLU C 22 19.91 -13.34 35.41
C GLU C 22 21.39 -13.71 35.44
N ALA C 23 22.20 -12.99 36.22
CA ALA C 23 23.65 -13.12 36.12
C ALA C 23 24.12 -14.50 36.57
N ASN C 24 23.53 -15.01 37.65
CA ASN C 24 24.08 -16.19 38.32
C ASN C 24 23.81 -17.49 37.58
N ILE C 25 22.87 -17.51 36.62
CA ILE C 25 22.54 -18.76 35.94
C ILE C 25 23.69 -19.16 35.04
N ASP C 26 24.07 -20.42 35.11
CA ASP C 26 25.24 -20.91 34.38
C ASP C 26 25.07 -20.69 32.88
N ARG C 27 26.17 -20.85 32.15
CA ARG C 27 26.21 -20.62 30.73
C ARG C 27 27.02 -21.71 30.04
N ILE C 28 26.80 -21.86 28.74
CA ILE C 28 27.49 -22.84 27.93
C ILE C 28 28.25 -22.11 26.82
N LYS C 29 29.44 -22.59 26.49
CA LYS C 29 30.24 -21.96 25.46
C LYS C 29 29.53 -21.98 24.12
N VAL C 30 29.64 -20.88 23.38
CA VAL C 30 28.90 -20.73 22.13
C VAL C 30 29.25 -21.83 21.13
N SER C 31 30.48 -22.35 21.19
CA SER C 31 30.83 -23.45 20.31
C SER C 31 29.97 -24.68 20.59
N LYS C 32 29.71 -24.95 21.86
CA LYS C 32 28.85 -26.08 22.23
C LYS C 32 27.41 -25.84 21.79
N ALA C 33 26.92 -24.61 21.89
CA ALA C 33 25.59 -24.31 21.38
C ALA C 33 25.51 -24.50 19.87
N ALA C 34 26.56 -24.09 19.16
CA ALA C 34 26.63 -24.35 17.73
C ALA C 34 26.64 -25.85 17.44
N ALA C 35 27.35 -26.62 18.26
CA ALA C 35 27.32 -28.07 18.11
C ALA C 35 25.91 -28.61 18.28
N ASP C 36 25.20 -28.14 19.31
CA ASP C 36 23.82 -28.58 19.51
C ASP C 36 22.97 -28.26 18.28
N LEU C 37 23.04 -27.02 17.80
CA LEU C 37 22.20 -26.62 16.68
C LEU C 37 22.53 -27.42 15.44
N MET C 38 23.83 -27.57 15.12
CA MET C 38 24.21 -28.30 13.91
C MET C 38 23.81 -29.76 14.01
N ALA C 39 24.00 -30.38 15.18
CA ALA C 39 23.61 -31.77 15.34
C ALA C 39 22.11 -31.94 15.16
N TYR C 40 21.32 -31.05 15.75
CA TYR C 40 19.88 -31.16 15.62
C TYR C 40 19.44 -30.97 14.16
N CYS C 41 20.05 -30.01 13.46
CA CYS C 41 19.70 -29.80 12.06
C CYS C 41 20.08 -31.00 11.21
N GLU C 42 21.24 -31.60 11.47
CA GLU C 42 21.66 -32.77 10.71
C GLU C 42 20.76 -33.97 10.97
N ALA C 43 20.36 -34.15 12.23
CA ALA C 43 19.59 -35.34 12.59
C ALA C 43 18.25 -35.38 11.87
N HIS C 44 17.57 -34.24 11.76
CA HIS C 44 16.25 -34.17 11.16
C HIS C 44 16.28 -33.67 9.73
N ALA C 45 17.37 -33.91 9.00
CA ALA C 45 17.49 -33.39 7.65
C ALA C 45 16.50 -34.04 6.69
N LYS C 46 16.30 -35.34 6.80
CA LYS C 46 15.45 -36.09 5.89
C LYS C 46 13.98 -36.03 6.28
N GLU C 47 13.64 -35.40 7.40
CA GLU C 47 12.26 -35.21 7.81
C GLU C 47 11.77 -33.80 7.53
N ASP C 48 12.47 -33.05 6.70
CA ASP C 48 12.12 -31.67 6.38
C ASP C 48 11.73 -31.55 4.92
N PRO C 49 10.44 -31.49 4.58
CA PRO C 49 10.06 -31.38 3.17
C PRO C 49 10.59 -30.12 2.49
N LEU C 50 10.95 -29.09 3.23
CA LEU C 50 11.51 -27.88 2.65
C LEU C 50 12.99 -27.99 2.33
N LEU C 51 13.78 -28.60 3.21
CA LEU C 51 15.20 -28.80 2.90
C LEU C 51 15.38 -29.72 1.70
N THR C 52 14.61 -30.80 1.65
CA THR C 52 14.65 -31.75 0.54
C THR C 52 13.25 -31.86 -0.05
N PRO C 53 12.98 -31.28 -1.22
CA PRO C 53 11.64 -31.40 -1.81
C PRO C 53 11.20 -32.84 -1.96
N VAL C 54 9.95 -33.13 -1.62
CA VAL C 54 9.44 -34.50 -1.61
C VAL C 54 8.68 -34.79 -2.89
N PRO C 55 8.40 -36.06 -3.21
CA PRO C 55 7.64 -36.37 -4.41
C PRO C 55 6.25 -35.75 -4.37
N ALA C 56 5.73 -35.42 -5.55
CA ALA C 56 4.42 -34.80 -5.64
C ALA C 56 3.31 -35.66 -5.07
N SER C 57 3.44 -36.99 -5.13
CA SER C 57 2.40 -37.86 -4.59
C SER C 57 2.22 -37.68 -3.09
N GLU C 58 3.32 -37.60 -2.35
CA GLU C 58 3.24 -37.43 -0.90
C GLU C 58 2.86 -36.02 -0.49
N ASN C 59 3.14 -35.03 -1.32
CA ASN C 59 2.77 -33.66 -1.01
C ASN C 59 1.25 -33.50 -1.14
N PRO C 60 0.53 -33.20 -0.05
CA PRO C 60 -0.93 -33.04 -0.18
C PRO C 60 -1.35 -31.90 -1.09
N PHE C 61 -0.57 -30.82 -1.16
CA PHE C 61 -0.96 -29.61 -1.88
C PHE C 61 -0.59 -29.68 -3.35
N ARG C 62 -0.30 -30.87 -3.87
CA ARG C 62 0.05 -31.03 -5.28
C ARG C 62 -0.97 -30.34 -6.18
N GLN D 24 23.47 -3.49 23.98
CA GLN D 24 22.30 -2.61 24.29
C GLN D 24 22.35 -1.31 23.48
N VAL D 25 21.16 -0.78 23.18
CA VAL D 25 21.07 0.53 22.55
C VAL D 25 21.23 1.57 23.64
N GLN D 26 22.44 2.11 23.79
CA GLN D 26 22.77 3.00 24.89
C GLN D 26 22.96 4.42 24.37
N LEU D 27 22.23 5.36 24.96
CA LEU D 27 22.42 6.78 24.74
C LEU D 27 22.73 7.45 26.06
N GLN D 28 23.87 8.13 26.14
CA GLN D 28 24.26 8.82 27.36
C GLN D 28 24.55 10.27 27.05
N GLU D 29 23.96 11.17 27.82
CA GLU D 29 24.11 12.60 27.62
C GLU D 29 25.25 13.15 28.48
N SER D 30 25.85 14.23 28.01
CA SER D 30 26.90 14.91 28.74
C SER D 30 26.69 16.40 28.63
N GLY D 31 27.30 17.15 29.55
CA GLY D 31 27.13 18.58 29.59
C GLY D 31 26.08 18.99 30.60
N GLY D 32 25.62 20.23 30.46
CA GLY D 32 24.66 20.77 31.39
C GLY D 32 25.31 21.37 32.61
N GLY D 33 24.47 21.66 33.59
CA GLY D 33 24.91 22.25 34.85
C GLY D 33 24.48 23.70 34.96
N LEU D 34 24.85 24.28 36.10
CA LEU D 34 24.47 25.66 36.40
C LEU D 34 25.07 26.61 35.38
N VAL D 35 24.26 27.53 34.88
CA VAL D 35 24.70 28.56 33.95
C VAL D 35 24.02 29.87 34.33
N GLN D 36 24.78 30.95 34.32
CA GLN D 36 24.19 32.25 34.59
C GLN D 36 23.24 32.64 33.46
N PRO D 37 22.14 33.34 33.75
CA PRO D 37 21.24 33.78 32.68
C PRO D 37 22.01 34.42 31.53
N GLY D 38 21.86 33.84 30.34
CA GLY D 38 22.71 34.18 29.22
C GLY D 38 23.69 33.05 28.95
N GLY D 39 24.94 33.38 28.62
CA GLY D 39 25.96 32.37 28.53
C GLY D 39 25.66 31.34 27.44
N SER D 40 26.25 30.15 27.60
CA SER D 40 26.07 29.09 26.62
C SER D 40 26.46 27.76 27.25
N LEU D 41 26.01 26.68 26.61
CA LEU D 41 26.36 25.33 26.98
C LEU D 41 26.48 24.48 25.71
N ARG D 42 26.93 23.25 25.87
CA ARG D 42 27.01 22.30 24.77
C ARG D 42 26.69 20.91 25.31
N LEU D 43 25.60 20.33 24.82
CA LEU D 43 25.20 19.00 25.23
C LEU D 43 25.75 17.97 24.25
N SER D 44 26.27 16.87 24.77
CA SER D 44 26.86 15.81 23.96
C SER D 44 26.20 14.48 24.31
N CYS D 45 25.68 13.79 23.29
CA CYS D 45 25.04 12.50 23.46
C CYS D 45 25.84 11.47 22.67
N ALA D 46 26.42 10.50 23.39
CA ALA D 46 27.23 9.46 22.77
C ALA D 46 26.37 8.24 22.49
N ALA D 47 26.27 7.88 21.21
CA ALA D 47 25.41 6.78 20.77
C ALA D 47 26.25 5.55 20.54
N SER D 48 25.88 4.45 21.20
CA SER D 48 26.60 3.20 21.09
C SER D 48 25.59 2.06 20.97
N GLY D 49 26.01 0.98 20.30
CA GLY D 49 25.19 -0.19 20.16
C GLY D 49 24.29 -0.21 18.95
N PHE D 50 24.19 0.91 18.22
CA PHE D 50 23.38 0.97 17.02
C PHE D 50 24.06 1.87 15.99
N THR D 51 23.70 1.68 14.73
CA THR D 51 24.29 2.43 13.62
C THR D 51 23.74 3.85 13.68
N PHE D 52 24.52 4.74 14.28
CA PHE D 52 24.14 6.13 14.50
C PHE D 52 23.84 6.83 13.19
N SER D 53 24.60 6.50 12.15
CA SER D 53 24.46 7.21 10.88
C SER D 53 23.10 7.00 10.25
N ASN D 54 22.35 6.00 10.68
CA ASN D 54 21.17 5.55 9.96
C ASN D 54 19.86 6.11 10.52
N TYR D 55 19.91 6.94 11.55
CA TYR D 55 18.75 7.31 12.33
C TYR D 55 18.62 8.82 12.46
N LYS D 56 17.39 9.30 12.31
CA LYS D 56 17.05 10.67 12.69
C LYS D 56 17.08 10.78 14.20
N MET D 57 17.62 11.89 14.71
CA MET D 57 17.82 12.06 16.13
C MET D 57 17.24 13.40 16.58
N ASN D 58 16.81 13.43 17.84
CA ASN D 58 16.03 14.53 18.38
C ASN D 58 16.49 14.87 19.79
N TRP D 59 16.17 16.09 20.21
CA TRP D 59 16.30 16.50 21.59
C TRP D 59 14.92 16.81 22.16
N VAL D 60 14.65 16.34 23.37
CA VAL D 60 13.39 16.55 24.04
C VAL D 60 13.66 17.03 25.46
N ARG D 61 12.81 17.92 25.95
CA ARG D 61 12.99 18.56 27.24
C ARG D 61 11.77 18.33 28.11
N GLN D 62 12.00 18.27 29.43
CA GLN D 62 10.93 18.18 30.41
C GLN D 62 11.22 19.20 31.51
N ALA D 63 10.55 20.34 31.45
CA ALA D 63 10.73 21.34 32.49
C ALA D 63 10.14 20.83 33.80
N PRO D 64 10.66 21.30 34.93
CA PRO D 64 10.09 20.88 36.22
C PRO D 64 8.61 21.21 36.28
N GLY D 65 7.82 20.24 36.76
CA GLY D 65 6.39 20.43 36.83
C GLY D 65 5.70 20.56 35.49
N LYS D 66 6.32 20.05 34.41
CA LYS D 66 5.72 20.13 33.08
C LYS D 66 6.02 18.85 32.31
N GLY D 67 5.23 18.62 31.26
CA GLY D 67 5.36 17.42 30.47
C GLY D 67 6.47 17.52 29.44
N LEU D 68 6.69 16.42 28.75
CA LEU D 68 7.78 16.34 27.79
C LEU D 68 7.51 17.24 26.60
N GLU D 69 8.56 17.91 26.13
CA GLU D 69 8.50 18.78 24.97
C GLU D 69 9.64 18.44 24.03
N TRP D 70 9.39 18.58 22.73
CA TRP D 70 10.38 18.29 21.70
C TRP D 70 11.12 19.56 21.33
N VAL D 71 12.45 19.49 21.38
CA VAL D 71 13.30 20.67 21.21
C VAL D 71 13.72 20.86 19.76
N SER D 72 14.29 19.83 19.15
CA SER D 72 14.79 19.95 17.78
C SER D 72 15.14 18.57 17.27
N ASP D 73 15.42 18.50 15.97
CA ASP D 73 15.70 17.23 15.32
C ASP D 73 16.67 17.44 14.17
N ILE D 74 17.46 16.40 13.88
CA ILE D 74 18.44 16.42 12.80
C ILE D 74 18.32 15.10 12.05
N SER D 75 18.34 15.17 10.72
CA SER D 75 18.20 13.98 9.91
C SER D 75 19.51 13.21 9.86
N GLN D 76 19.53 12.17 9.02
CA GLN D 76 20.66 11.25 9.01
C GLN D 76 21.96 11.95 8.66
N SER D 77 21.93 12.82 7.66
CA SER D 77 23.15 13.42 7.14
C SER D 77 23.50 14.75 7.79
N GLY D 78 22.51 15.46 8.33
CA GLY D 78 22.72 16.80 8.83
C GLY D 78 22.31 17.89 7.88
N ALA D 79 21.75 17.55 6.71
CA ALA D 79 21.29 18.53 5.75
C ALA D 79 19.85 18.96 6.00
N SER D 80 19.20 18.42 7.03
CA SER D 80 17.85 18.81 7.37
C SER D 80 17.78 19.02 8.87
N ILE D 81 17.10 20.08 9.29
CA ILE D 81 17.13 20.53 10.67
C ILE D 81 15.80 21.20 10.98
N SER D 82 15.40 21.17 12.25
CA SER D 82 14.18 21.83 12.68
C SER D 82 14.26 22.07 14.18
N TYR D 83 13.65 23.17 14.61
CA TYR D 83 13.62 23.54 16.02
C TYR D 83 12.21 23.95 16.41
N THR D 84 11.91 23.84 17.70
CA THR D 84 10.74 24.51 18.25
C THR D 84 10.97 26.01 18.24
N GLY D 85 9.93 26.77 17.91
CA GLY D 85 10.10 28.20 17.74
C GLY D 85 10.68 28.89 18.96
N SER D 86 10.40 28.37 20.16
CA SER D 86 10.81 29.05 21.38
C SER D 86 12.32 29.08 21.54
N VAL D 87 13.06 28.30 20.77
CA VAL D 87 14.51 28.23 20.90
C VAL D 87 15.24 28.58 19.62
N LYS D 88 14.54 28.73 18.49
CA LYS D 88 15.21 29.02 17.24
C LYS D 88 16.01 30.31 17.36
N GLY D 89 17.27 30.24 16.94
CA GLY D 89 18.20 31.34 17.13
C GLY D 89 19.01 31.26 18.40
N ARG D 90 18.55 30.48 19.38
CA ARG D 90 19.31 30.31 20.61
C ARG D 90 20.08 28.99 20.60
N PHE D 91 19.48 27.95 20.02
CA PHE D 91 20.08 26.63 19.92
C PHE D 91 20.45 26.33 18.47
N THR D 92 21.41 25.42 18.31
CA THR D 92 21.77 24.90 16.99
C THR D 92 22.30 23.50 17.16
N ILE D 93 21.65 22.55 16.51
CA ILE D 93 22.03 21.14 16.62
C ILE D 93 23.22 20.86 15.72
N SER D 94 23.96 19.81 16.05
CA SER D 94 25.06 19.32 15.23
C SER D 94 25.25 17.85 15.52
N ARG D 95 25.76 17.12 14.53
CA ARG D 95 26.10 15.71 14.72
C ARG D 95 27.41 15.41 14.00
N ASP D 96 28.15 14.45 14.53
CA ASP D 96 29.36 13.94 13.92
C ASP D 96 29.19 12.44 13.75
N ASN D 97 28.81 12.02 12.55
CA ASN D 97 28.50 10.61 12.32
C ASN D 97 29.71 9.72 12.57
N ALA D 98 30.90 10.17 12.14
CA ALA D 98 32.09 9.34 12.26
C ALA D 98 32.40 8.99 13.70
N LYS D 99 31.95 9.81 14.66
CA LYS D 99 32.20 9.55 16.07
C LYS D 99 30.90 9.29 16.84
N ASN D 100 29.81 9.07 16.11
CA ASN D 100 28.57 8.59 16.70
C ASN D 100 28.15 9.48 17.87
N THR D 101 28.23 10.79 17.69
CA THR D 101 27.92 11.74 18.76
C THR D 101 27.00 12.82 18.21
N LEU D 102 26.08 13.29 19.06
CA LEU D 102 25.16 14.35 18.72
C LEU D 102 25.39 15.53 19.64
N TYR D 103 25.30 16.74 19.09
CA TYR D 103 25.58 17.96 19.85
C TYR D 103 24.39 18.91 19.78
N LEU D 104 24.19 19.63 20.87
CA LEU D 104 23.23 20.73 20.94
C LEU D 104 23.95 21.91 21.58
N GLN D 105 24.17 22.97 20.80
CA GLN D 105 24.82 24.17 21.32
C GLN D 105 23.74 25.20 21.66
N MET D 106 23.70 25.61 22.92
CA MET D 106 22.71 26.54 23.43
C MET D 106 23.38 27.86 23.75
N ASN D 107 22.79 28.96 23.30
CA ASN D 107 23.32 30.30 23.54
C ASN D 107 22.25 31.18 24.14
N SER D 108 22.66 32.00 25.12
CA SER D 108 21.78 32.97 25.75
C SER D 108 20.59 32.30 26.41
N LEU D 109 20.86 31.37 27.32
CA LEU D 109 19.79 30.64 27.99
C LEU D 109 18.95 31.58 28.83
N LYS D 110 17.64 31.58 28.56
CA LYS D 110 16.68 32.24 29.44
C LYS D 110 16.37 31.34 30.62
N PRO D 111 15.89 31.90 31.74
CA PRO D 111 15.55 31.06 32.88
C PRO D 111 14.49 30.02 32.57
N GLU D 112 13.64 30.27 31.59
CA GLU D 112 12.60 29.31 31.20
C GLU D 112 13.17 28.08 30.52
N ASP D 113 14.44 28.08 30.15
CA ASP D 113 15.05 26.96 29.46
C ASP D 113 15.56 25.89 30.43
N THR D 114 15.44 26.09 31.73
CA THR D 114 15.87 25.09 32.69
C THR D 114 14.95 23.88 32.59
N ALA D 115 15.53 22.71 32.33
CA ALA D 115 14.76 21.49 32.14
C ALA D 115 15.73 20.34 31.97
N VAL D 116 15.19 19.13 31.99
CA VAL D 116 15.99 17.93 31.75
C VAL D 116 15.95 17.64 30.26
N TYR D 117 17.12 17.63 29.63
CA TYR D 117 17.24 17.45 28.19
C TYR D 117 17.71 16.03 27.90
N TYR D 118 17.02 15.37 26.97
CA TYR D 118 17.33 14.01 26.59
C TYR D 118 17.61 13.94 25.10
N CYS D 119 18.63 13.18 24.72
CA CYS D 119 18.87 12.86 23.33
C CYS D 119 18.06 11.62 22.96
N ALA D 120 17.25 11.74 21.91
CA ALA D 120 16.32 10.69 21.55
C ALA D 120 16.54 10.28 20.10
N ARG D 121 16.29 9.01 19.83
CA ARG D 121 16.47 8.43 18.51
C ARG D 121 15.13 7.94 17.99
N CYS D 122 14.86 8.20 16.72
CA CYS D 122 13.59 7.80 16.16
C CYS D 122 13.52 6.28 16.09
N PRO D 123 12.32 5.71 16.23
CA PRO D 123 12.23 4.27 16.50
C PRO D 123 12.81 3.38 15.41
N ALA D 124 12.70 3.74 14.14
CA ALA D 124 13.14 2.85 13.08
C ALA D 124 14.06 3.57 12.11
N PRO D 125 14.95 2.85 11.44
CA PRO D 125 15.87 3.49 10.50
C PRO D 125 15.21 3.79 9.17
N PHE D 126 15.78 4.77 8.47
CA PHE D 126 15.40 5.11 7.11
C PHE D 126 13.97 5.64 7.03
N THR D 127 13.55 6.46 7.99
CA THR D 127 12.21 7.01 7.97
C THR D 127 12.24 8.46 8.43
N ARG D 128 11.26 9.23 7.94
CA ARG D 128 11.11 10.63 8.31
C ARG D 128 10.11 10.85 9.44
N ASP D 129 9.54 9.79 9.99
CA ASP D 129 8.53 9.89 11.05
C ASP D 129 9.10 9.44 12.38
N CYS D 130 8.60 10.03 13.46
CA CYS D 130 9.04 9.68 14.80
C CYS D 130 7.89 9.90 15.78
N PHE D 131 7.75 8.99 16.77
CA PHE D 131 6.77 9.12 17.85
C PHE D 131 7.50 8.91 19.19
N ASP D 132 8.10 9.98 19.72
CA ASP D 132 9.07 9.81 20.82
C ASP D 132 8.95 10.79 21.98
N VAL D 133 8.04 11.77 21.92
CA VAL D 133 7.84 12.64 23.07
C VAL D 133 6.74 12.05 23.94
N THR D 134 7.11 11.15 24.85
CA THR D 134 6.13 10.42 25.62
C THR D 134 6.16 10.85 27.08
N SER D 135 4.96 11.02 27.65
CA SER D 135 4.85 11.29 29.07
C SER D 135 5.43 10.16 29.90
N THR D 136 5.27 8.93 29.44
CA THR D 136 5.81 7.76 30.12
C THR D 136 7.16 7.40 29.48
N THR D 137 7.67 6.22 29.83
CA THR D 137 8.97 5.79 29.35
C THR D 137 8.95 5.58 27.84
N TYR D 138 10.10 5.81 27.22
CA TYR D 138 10.31 5.53 25.81
C TYR D 138 11.70 4.91 25.67
N ALA D 139 11.78 3.84 24.86
CA ALA D 139 12.94 2.96 24.91
C ALA D 139 14.23 3.67 24.50
N TYR D 140 14.25 4.31 23.34
CA TYR D 140 15.48 4.83 22.76
C TYR D 140 15.72 6.28 23.16
N ARG D 141 16.15 6.46 24.41
CA ARG D 141 16.36 7.79 24.97
C ARG D 141 17.29 7.67 26.17
N GLY D 142 18.12 8.69 26.36
CA GLY D 142 19.11 8.66 27.42
C GLY D 142 18.51 8.95 28.78
N GLN D 143 19.37 8.86 29.79
CA GLN D 143 18.95 9.17 31.15
C GLN D 143 18.58 10.63 31.32
N GLY D 144 19.28 11.54 30.64
CA GLY D 144 18.97 12.95 30.69
C GLY D 144 19.97 13.75 31.49
N THR D 145 20.06 15.03 31.16
CA THR D 145 20.91 15.98 31.86
C THR D 145 20.09 17.21 32.25
N GLN D 146 20.28 17.67 33.47
CA GLN D 146 19.55 18.82 33.98
C GLN D 146 20.37 20.09 33.80
N VAL D 147 19.78 21.09 33.19
CA VAL D 147 20.41 22.39 32.98
C VAL D 147 19.73 23.40 33.88
N THR D 148 20.52 24.07 34.72
CA THR D 148 20.02 25.04 35.67
C THR D 148 20.52 26.42 35.25
N VAL D 149 19.60 27.38 35.17
CA VAL D 149 19.95 28.73 34.78
C VAL D 149 19.90 29.65 35.99
N MET E 2 -19.10 -3.53 -65.57
CA MET E 2 -18.88 -2.57 -64.45
C MET E 2 -18.21 -1.30 -64.96
N ASP E 3 -18.34 -0.21 -64.21
CA ASP E 3 -17.66 1.03 -64.55
C ASP E 3 -16.18 0.92 -64.19
N LYS E 4 -15.33 1.00 -65.21
CA LYS E 4 -13.91 0.71 -65.01
C LYS E 4 -13.21 1.75 -64.16
N GLU E 5 -13.69 2.99 -64.17
CA GLU E 5 -13.03 4.03 -63.39
C GLU E 5 -13.08 3.73 -61.90
N ALA E 6 -14.21 3.25 -61.39
CA ALA E 6 -14.28 2.90 -59.98
C ALA E 6 -13.39 1.71 -59.66
N VAL E 7 -13.23 0.77 -60.60
CA VAL E 7 -12.30 -0.33 -60.40
C VAL E 7 -10.89 0.19 -60.27
N TYR E 8 -10.50 1.15 -61.13
CA TYR E 8 -9.18 1.73 -61.01
C TYR E 8 -9.01 2.47 -59.68
N PHE E 9 -10.04 3.20 -59.25
CA PHE E 9 -10.00 3.82 -57.94
C PHE E 9 -9.71 2.78 -56.86
N ALA E 10 -10.49 1.70 -56.84
CA ALA E 10 -10.23 0.63 -55.87
C ALA E 10 -8.82 0.11 -56.03
N HIS E 11 -8.29 0.13 -57.24
CA HIS E 11 -6.94 -0.35 -57.47
C HIS E 11 -5.92 0.49 -56.71
N LEU E 12 -5.99 1.82 -56.87
CA LEU E 12 -5.04 2.67 -56.16
C LEU E 12 -5.51 3.02 -54.75
N ASP E 13 -6.80 2.93 -54.48
CA ASP E 13 -7.34 3.44 -53.23
C ASP E 13 -6.84 2.62 -52.04
N ILE E 14 -7.04 3.18 -50.85
CA ILE E 14 -6.68 2.47 -49.62
C ILE E 14 -7.56 1.26 -49.44
N ILE E 15 -7.02 0.24 -48.77
CA ILE E 15 -7.79 -0.95 -48.42
C ILE E 15 -8.75 -0.56 -47.30
N TRP E 16 -10.01 -0.38 -47.65
CA TRP E 16 -11.01 0.07 -46.69
C TRP E 16 -12.41 -0.27 -47.18
N SER F 499 -25.43 8.14 -72.12
CA SER F 499 -24.29 7.21 -71.87
C SER F 499 -23.10 7.95 -71.27
N PRO F 500 -22.29 7.26 -70.47
CA PRO F 500 -21.15 7.91 -69.85
C PRO F 500 -20.04 8.19 -70.85
N PRO F 501 -19.54 9.43 -70.92
CA PRO F 501 -18.46 9.73 -71.85
C PRO F 501 -17.11 9.52 -71.20
N PRO F 502 -16.04 9.47 -71.99
CA PRO F 502 -14.69 9.30 -71.42
C PRO F 502 -14.32 10.45 -70.47
N CYS F 503 -13.19 10.29 -69.79
CA CYS F 503 -12.69 11.30 -68.86
C CYS F 503 -12.12 12.51 -69.61
N GLN F 504 -11.97 13.62 -68.88
CA GLN F 504 -11.23 14.77 -69.38
C GLN F 504 -9.71 14.59 -69.21
N GLY F 505 -9.28 13.71 -68.31
CA GLY F 505 -7.88 13.59 -67.99
C GLY F 505 -7.51 12.29 -67.29
N PRO F 506 -6.26 12.20 -66.83
CA PRO F 506 -5.76 10.94 -66.27
C PRO F 506 -5.93 10.89 -64.76
N ILE F 507 -6.03 9.67 -64.23
CA ILE F 507 -6.09 9.44 -62.79
C ILE F 507 -4.73 8.91 -62.35
N GLU F 508 -4.09 9.63 -61.43
CA GLU F 508 -2.74 9.27 -61.02
C GLU F 508 -2.44 9.84 -59.65
N ILE F 509 -1.42 9.29 -59.02
CA ILE F 509 -0.90 9.77 -57.74
C ILE F 509 0.45 10.40 -58.00
N LYS F 510 0.59 11.68 -57.64
CA LYS F 510 1.80 12.42 -57.97
C LYS F 510 3.00 11.85 -57.23
N GLU F 511 4.16 11.92 -57.91
CA GLU F 511 5.39 11.42 -57.30
C GLU F 511 5.72 12.19 -56.03
N THR F 512 5.58 13.51 -56.06
CA THR F 512 5.84 14.31 -54.86
C THR F 512 4.88 13.92 -53.74
N PHE F 513 3.61 13.71 -54.09
CA PHE F 513 2.64 13.27 -53.09
C PHE F 513 3.02 11.91 -52.52
N LYS F 514 3.44 10.98 -53.38
CA LYS F 514 3.89 9.69 -52.88
C LYS F 514 5.04 9.85 -51.89
N TYR F 515 6.02 10.68 -52.26
CA TYR F 515 7.20 10.83 -51.41
C TYR F 515 6.83 11.44 -50.07
N ILE F 516 6.02 12.49 -50.07
CA ILE F 516 5.68 13.15 -48.81
C ILE F 516 4.83 12.23 -47.93
N ASN F 517 3.88 11.52 -48.54
CA ASN F 517 3.07 10.60 -47.77
C ASN F 517 3.92 9.50 -47.15
N THR F 518 4.85 8.94 -47.92
CA THR F 518 5.73 7.93 -47.36
C THR F 518 6.55 8.51 -46.22
N VAL F 519 7.03 9.74 -46.38
CA VAL F 519 7.84 10.36 -45.33
C VAL F 519 7.04 10.46 -44.04
N VAL F 520 5.81 10.96 -44.13
CA VAL F 520 5.00 11.07 -42.92
C VAL F 520 4.65 9.69 -42.38
N SER F 521 4.43 8.74 -43.28
CA SER F 521 3.98 7.42 -42.87
C SER F 521 5.04 6.69 -42.06
N CYS F 522 6.31 6.78 -42.47
CA CYS F 522 7.35 6.13 -41.69
C CYS F 522 7.45 6.73 -40.31
N LEU F 523 7.34 8.06 -40.21
CA LEU F 523 7.38 8.71 -38.89
C LEU F 523 6.21 8.25 -38.04
N VAL F 524 5.02 8.16 -38.63
CA VAL F 524 3.86 7.70 -37.88
C VAL F 524 4.06 6.27 -37.42
N PHE F 525 4.57 5.41 -38.30
CA PHE F 525 4.83 4.02 -37.94
C PHE F 525 5.77 3.95 -36.75
N VAL F 526 6.90 4.65 -36.84
CA VAL F 526 7.89 4.58 -35.77
C VAL F 526 7.32 5.13 -34.47
N LEU F 527 6.66 6.29 -34.52
CA LEU F 527 6.15 6.91 -33.30
C LEU F 527 5.08 6.05 -32.65
N GLY F 528 4.11 5.59 -33.44
CA GLY F 528 3.07 4.76 -32.89
C GLY F 528 3.60 3.45 -32.33
N ILE F 529 4.51 2.81 -33.05
CA ILE F 529 5.04 1.55 -32.56
C ILE F 529 5.80 1.78 -31.27
N ILE F 530 6.59 2.86 -31.18
CA ILE F 530 7.35 3.12 -29.96
C ILE F 530 6.40 3.37 -28.79
N GLY F 531 5.39 4.23 -29.01
CA GLY F 531 4.49 4.56 -27.92
C GLY F 531 3.69 3.35 -27.45
N ASN F 532 3.15 2.59 -28.39
CA ASN F 532 2.33 1.44 -28.01
C ASN F 532 3.19 0.33 -27.42
N SER F 533 4.41 0.16 -27.90
CA SER F 533 5.32 -0.78 -27.28
C SER F 533 5.66 -0.39 -25.86
N THR F 534 5.87 0.91 -25.60
CA THR F 534 6.12 1.34 -24.24
C THR F 534 4.90 1.11 -23.35
N LEU F 535 3.71 1.40 -23.87
CA LEU F 535 2.50 1.15 -23.10
C LEU F 535 2.36 -0.33 -22.77
N LEU F 536 2.59 -1.20 -23.75
CA LEU F 536 2.51 -2.63 -23.52
C LEU F 536 3.57 -3.10 -22.53
N ARG F 537 4.78 -2.54 -22.62
CA ARG F 537 5.81 -2.86 -21.65
C ARG F 537 5.34 -2.53 -20.24
N ILE F 538 4.80 -1.32 -20.06
CA ILE F 538 4.34 -0.91 -18.73
C ILE F 538 3.26 -1.86 -18.23
N ILE F 539 2.32 -2.19 -19.10
CA ILE F 539 1.15 -2.93 -18.63
C ILE F 539 1.44 -4.41 -18.45
N TYR F 540 2.43 -4.97 -19.15
CA TYR F 540 2.66 -6.40 -19.16
C TYR F 540 3.99 -6.81 -18.55
N LYS F 541 4.78 -5.87 -18.04
CA LYS F 541 6.07 -6.19 -17.43
C LYS F 541 6.09 -5.98 -15.93
N ASN F 542 5.42 -4.95 -15.43
CA ASN F 542 5.31 -4.70 -14.00
C ASN F 542 3.95 -5.20 -13.52
N LYS F 543 3.96 -6.17 -12.62
CA LYS F 543 2.72 -6.79 -12.19
C LYS F 543 1.84 -5.82 -11.42
N CYS F 544 2.44 -4.85 -10.73
CA CYS F 544 1.68 -3.97 -9.85
C CYS F 544 0.74 -3.04 -10.61
N MET F 545 0.99 -2.80 -11.90
CA MET F 545 0.22 -1.83 -12.67
C MET F 545 -0.85 -2.48 -13.55
N ARG F 546 -1.10 -3.77 -13.39
CA ARG F 546 -2.13 -4.47 -14.15
C ARG F 546 -3.37 -4.59 -13.27
N ASN F 547 -4.48 -4.02 -13.72
CA ASN F 547 -5.72 -4.09 -12.96
C ASN F 547 -6.87 -3.67 -13.88
N GLY F 548 -8.09 -3.80 -13.36
CA GLY F 548 -9.29 -3.57 -14.12
C GLY F 548 -9.24 -2.34 -15.01
N PRO F 549 -8.96 -1.18 -14.42
CA PRO F 549 -8.88 0.04 -15.23
C PRO F 549 -7.86 -0.06 -16.35
N ASN F 550 -6.76 -0.78 -16.12
CA ASN F 550 -5.65 -0.74 -17.08
C ASN F 550 -5.80 -1.80 -18.17
N ILE F 551 -6.61 -2.83 -17.96
CA ILE F 551 -6.73 -3.84 -19.00
C ILE F 551 -7.58 -3.35 -20.15
N LEU F 552 -8.48 -2.40 -19.92
CA LEU F 552 -9.12 -1.74 -21.05
C LEU F 552 -8.12 -0.92 -21.86
N ILE F 553 -7.22 -0.22 -21.17
CA ILE F 553 -6.16 0.48 -21.90
C ILE F 553 -5.31 -0.52 -22.67
N ALA F 554 -5.06 -1.70 -22.10
CA ALA F 554 -4.30 -2.73 -22.79
C ALA F 554 -5.03 -3.20 -24.04
N SER F 555 -6.35 -3.39 -23.94
CA SER F 555 -7.11 -3.77 -25.12
C SER F 555 -7.01 -2.70 -26.20
N LEU F 556 -7.14 -1.44 -25.81
CA LEU F 556 -7.02 -0.35 -26.77
C LEU F 556 -5.63 -0.33 -27.40
N ALA F 557 -4.59 -0.59 -26.59
CA ALA F 557 -3.22 -0.57 -27.10
C ALA F 557 -3.00 -1.70 -28.10
N LEU F 558 -3.51 -2.90 -27.79
CA LEU F 558 -3.39 -4.02 -28.71
C LEU F 558 -4.12 -3.72 -30.02
N GLY F 559 -5.33 -3.17 -29.92
CA GLY F 559 -6.06 -2.82 -31.11
C GLY F 559 -5.33 -1.78 -31.94
N ASP F 560 -4.71 -0.80 -31.28
CA ASP F 560 -3.95 0.21 -32.00
C ASP F 560 -2.72 -0.40 -32.67
N LEU F 561 -2.07 -1.34 -31.99
CA LEU F 561 -0.93 -2.03 -32.59
C LEU F 561 -1.36 -2.76 -33.85
N LEU F 562 -2.49 -3.46 -33.78
CA LEU F 562 -3.00 -4.11 -34.99
C LEU F 562 -3.29 -3.10 -36.07
N HIS F 563 -3.99 -2.02 -35.75
CA HIS F 563 -4.35 -1.04 -36.77
C HIS F 563 -3.12 -0.43 -37.42
N ILE F 564 -2.06 -0.19 -36.66
CA ILE F 564 -0.82 0.28 -37.27
C ILE F 564 -0.22 -0.81 -38.15
N VAL F 565 0.07 -1.97 -37.57
CA VAL F 565 0.97 -2.91 -38.21
C VAL F 565 0.30 -3.62 -39.39
N ILE F 566 -1.03 -3.60 -39.46
CA ILE F 566 -1.72 -4.29 -40.55
C ILE F 566 -2.40 -3.30 -41.49
N ASP F 567 -2.19 -2.01 -41.29
CA ASP F 567 -2.83 -1.01 -42.15
C ASP F 567 -1.81 -0.05 -42.75
N ILE F 568 -0.74 0.27 -42.02
CA ILE F 568 0.26 1.21 -42.51
C ILE F 568 1.18 0.50 -43.51
N PRO F 569 1.78 -0.63 -43.16
CA PRO F 569 2.73 -1.26 -44.10
C PRO F 569 2.12 -1.61 -45.44
N ILE F 570 0.87 -2.06 -45.46
CA ILE F 570 0.23 -2.43 -46.72
C ILE F 570 -0.04 -1.19 -47.56
N ASN F 571 -0.58 -0.14 -46.94
CA ASN F 571 -0.99 1.03 -47.70
C ASN F 571 0.20 1.86 -48.15
N VAL F 572 1.23 1.97 -47.32
CA VAL F 572 2.42 2.70 -47.73
C VAL F 572 3.06 2.03 -48.94
N TYR F 573 3.06 0.70 -48.97
CA TYR F 573 3.51 0.00 -50.17
C TYR F 573 2.61 0.32 -51.35
N LYS F 574 1.30 0.14 -51.18
CA LYS F 574 0.38 0.30 -52.29
C LYS F 574 0.49 1.69 -52.90
N LEU F 575 0.71 2.71 -52.07
CA LEU F 575 0.83 4.07 -52.57
C LEU F 575 1.92 4.18 -53.62
N LEU F 576 2.93 3.32 -53.54
CA LEU F 576 4.02 3.34 -54.50
C LEU F 576 3.80 2.33 -55.62
N ALA F 577 3.62 1.06 -55.26
CA ALA F 577 3.66 -0.01 -56.25
C ALA F 577 2.47 0.03 -57.20
N GLU F 578 1.27 0.24 -56.67
CA GLU F 578 0.04 0.14 -57.45
C GLU F 578 -0.17 -1.29 -57.97
N ASP F 579 0.09 -2.29 -57.12
CA ASP F 579 -0.13 -3.68 -57.49
C ASP F 579 -0.44 -4.49 -56.23
N TRP F 580 -1.11 -5.62 -56.42
CA TRP F 580 -1.55 -6.43 -55.29
C TRP F 580 -0.66 -7.65 -55.14
N PRO F 581 0.28 -7.68 -54.18
CA PRO F 581 1.21 -8.81 -54.08
C PRO F 581 0.61 -10.12 -53.61
N PHE F 582 -0.10 -10.09 -52.48
CA PHE F 582 -0.40 -11.31 -51.73
C PHE F 582 -1.45 -12.19 -52.39
N GLY F 583 -2.14 -11.71 -53.42
CA GLY F 583 -3.07 -12.59 -54.09
C GLY F 583 -4.35 -12.81 -53.31
N ALA F 584 -5.08 -13.84 -53.76
CA ALA F 584 -6.45 -14.03 -53.32
C ALA F 584 -6.58 -14.30 -51.83
N GLU F 585 -5.72 -15.12 -51.25
CA GLU F 585 -5.92 -15.56 -49.87
C GLU F 585 -5.90 -14.38 -48.91
N MET F 586 -4.98 -13.44 -49.12
CA MET F 586 -4.81 -12.34 -48.18
C MET F 586 -5.87 -11.26 -48.35
N CYS F 587 -6.37 -11.06 -49.57
CA CYS F 587 -7.36 -10.01 -49.80
C CYS F 587 -8.58 -10.19 -48.89
N LYS F 588 -8.86 -11.41 -48.46
CA LYS F 588 -9.98 -11.64 -47.55
C LYS F 588 -9.58 -11.40 -46.10
N LEU F 589 -8.28 -11.43 -45.80
CA LEU F 589 -7.84 -11.33 -44.42
C LEU F 589 -7.56 -9.89 -44.01
N VAL F 590 -6.80 -9.16 -44.84
CA VAL F 590 -6.33 -7.83 -44.44
C VAL F 590 -7.49 -6.93 -44.04
N PRO F 591 -8.46 -6.64 -44.90
CA PRO F 591 -9.55 -5.74 -44.48
C PRO F 591 -10.34 -6.25 -43.30
N PHE F 592 -10.53 -7.57 -43.17
CA PHE F 592 -11.32 -8.09 -42.06
C PHE F 592 -10.65 -7.79 -40.73
N ILE F 593 -9.36 -8.09 -40.62
CA ILE F 593 -8.64 -7.80 -39.39
C ILE F 593 -8.54 -6.29 -39.18
N GLN F 594 -8.42 -5.52 -40.26
CA GLN F 594 -8.39 -4.07 -40.15
C GLN F 594 -9.65 -3.55 -39.49
N LYS F 595 -10.82 -3.96 -40.00
CA LYS F 595 -12.07 -3.47 -39.44
C LYS F 595 -12.31 -4.02 -38.05
N ALA F 596 -11.90 -5.26 -37.80
CA ALA F 596 -11.96 -5.78 -36.44
C ALA F 596 -11.20 -4.88 -35.48
N SER F 597 -9.96 -4.54 -35.82
CA SER F 597 -9.15 -3.71 -34.94
C SER F 597 -9.75 -2.33 -34.75
N VAL F 598 -10.28 -1.74 -35.82
CA VAL F 598 -10.90 -0.42 -35.69
C VAL F 598 -12.07 -0.49 -34.72
N GLY F 599 -12.92 -1.52 -34.87
CA GLY F 599 -14.01 -1.70 -33.93
C GLY F 599 -13.52 -1.86 -32.51
N ILE F 600 -12.42 -2.61 -32.33
CA ILE F 600 -11.86 -2.78 -30.99
C ILE F 600 -11.46 -1.43 -30.42
N THR F 601 -10.76 -0.63 -31.21
CA THR F 601 -10.31 0.67 -30.72
C THR F 601 -11.49 1.53 -30.30
N VAL F 602 -12.50 1.65 -31.15
CA VAL F 602 -13.61 2.54 -30.84
C VAL F 602 -14.40 2.04 -29.63
N LEU F 603 -14.68 0.74 -29.58
CA LEU F 603 -15.45 0.21 -28.46
C LEU F 603 -14.67 0.29 -27.16
N SER F 604 -13.35 0.14 -27.23
CA SER F 604 -12.53 0.30 -26.03
C SER F 604 -12.53 1.74 -25.55
N LEU F 605 -12.53 2.70 -26.47
CA LEU F 605 -12.67 4.09 -26.05
C LEU F 605 -14.00 4.32 -25.35
N CYS F 606 -15.08 3.75 -25.90
CA CYS F 606 -16.37 3.85 -25.24
C CYS F 606 -16.35 3.22 -23.85
N ALA F 607 -15.71 2.06 -23.72
CA ALA F 607 -15.62 1.40 -22.43
C ALA F 607 -14.85 2.24 -21.43
N LEU F 608 -13.76 2.87 -21.87
CA LEU F 608 -13.02 3.74 -20.98
C LEU F 608 -13.89 4.91 -20.51
N SER F 609 -14.67 5.49 -21.42
CA SER F 609 -15.55 6.57 -21.02
C SER F 609 -16.55 6.11 -19.97
N ILE F 610 -17.19 4.97 -20.21
CA ILE F 610 -18.18 4.46 -19.27
C ILE F 610 -17.55 4.19 -17.92
N ASP F 611 -16.37 3.55 -17.93
CA ASP F 611 -15.70 3.22 -16.67
C ASP F 611 -15.28 4.46 -15.91
N ARG F 612 -14.78 5.49 -16.60
CA ARG F 612 -14.39 6.71 -15.91
C ARG F 612 -15.60 7.39 -15.29
N TYR F 613 -16.72 7.41 -16.01
CA TYR F 613 -17.94 7.98 -15.42
C TYR F 613 -18.34 7.20 -14.17
N ARG F 614 -18.29 5.87 -14.24
CA ARG F 614 -18.64 5.08 -13.07
C ARG F 614 -17.70 5.38 -11.90
N ALA F 615 -16.41 5.51 -12.19
CA ALA F 615 -15.43 5.80 -11.16
C ALA F 615 -15.68 7.14 -10.48
N VAL F 616 -15.97 8.19 -11.23
CA VAL F 616 -16.20 9.49 -10.62
C VAL F 616 -17.54 9.50 -9.89
N ALA F 617 -18.52 8.75 -10.40
CA ALA F 617 -19.87 8.81 -9.85
C ALA F 617 -19.98 8.11 -8.51
N SER F 618 -19.37 6.94 -8.36
CA SER F 618 -19.58 6.09 -7.19
C SER F 618 -18.40 6.21 -6.23
N TRP F 619 -18.46 5.40 -5.16
CA TRP F 619 -17.53 5.48 -4.05
C TRP F 619 -16.71 4.20 -3.94
N SER F 620 -15.47 4.35 -3.50
CA SER F 620 -14.62 3.22 -3.11
C SER F 620 -14.41 2.24 -4.26
N ARG F 621 -13.77 2.70 -5.32
CA ARG F 621 -13.41 1.86 -6.45
C ARG F 621 -11.90 1.61 -6.54
N ILE F 622 -11.25 1.43 -5.40
CA ILE F 622 -9.80 1.36 -5.31
C ILE F 622 -9.38 -0.03 -4.86
N LYS F 623 -8.38 -0.60 -5.55
CA LYS F 623 -7.81 -1.87 -5.17
C LYS F 623 -6.42 -1.97 -5.78
N GLY F 624 -5.62 -2.89 -5.25
CA GLY F 624 -4.31 -3.13 -5.81
C GLY F 624 -4.42 -4.00 -7.05
N ILE F 625 -3.61 -5.05 -7.14
CA ILE F 625 -3.74 -5.97 -8.26
C ILE F 625 -5.08 -6.68 -8.17
N GLY F 626 -5.88 -6.56 -9.21
CA GLY F 626 -7.21 -7.14 -9.23
C GLY F 626 -7.88 -6.92 -10.57
N VAL F 627 -8.73 -7.86 -10.92
CA VAL F 627 -9.42 -7.86 -12.21
C VAL F 627 -10.88 -8.22 -11.99
N PRO F 628 -11.79 -7.25 -11.96
CA PRO F 628 -13.21 -7.58 -11.75
C PRO F 628 -13.72 -8.49 -12.85
N LYS F 629 -14.62 -9.41 -12.47
CA LYS F 629 -15.20 -10.33 -13.45
C LYS F 629 -15.90 -9.55 -14.55
N TRP F 630 -16.58 -8.46 -14.20
CA TRP F 630 -17.32 -7.70 -15.19
C TRP F 630 -16.40 -7.16 -16.28
N THR F 631 -15.25 -6.61 -15.88
CA THR F 631 -14.34 -6.01 -16.86
C THR F 631 -13.69 -7.07 -17.75
N ALA F 632 -13.29 -8.21 -17.18
CA ALA F 632 -12.75 -9.29 -17.99
C ALA F 632 -13.80 -9.82 -18.96
N VAL F 633 -15.06 -9.88 -18.54
CA VAL F 633 -16.14 -10.25 -19.45
C VAL F 633 -16.24 -9.24 -20.57
N GLU F 634 -16.24 -7.95 -20.23
CA GLU F 634 -16.51 -6.91 -21.20
C GLU F 634 -15.40 -6.79 -22.24
N ILE F 635 -14.14 -6.98 -21.84
CA ILE F 635 -13.06 -6.85 -22.82
C ILE F 635 -13.21 -7.91 -23.91
N VAL F 636 -13.38 -9.17 -23.52
CA VAL F 636 -13.51 -10.23 -24.51
C VAL F 636 -14.81 -10.07 -25.28
N LEU F 637 -15.86 -9.57 -24.62
CA LEU F 637 -17.11 -9.30 -25.34
C LEU F 637 -16.88 -8.26 -26.43
N ILE F 638 -16.09 -7.22 -26.14
CA ILE F 638 -15.82 -6.18 -27.13
C ILE F 638 -15.05 -6.78 -28.31
N TRP F 639 -14.02 -7.57 -28.02
CA TRP F 639 -13.29 -8.23 -29.10
C TRP F 639 -14.22 -9.07 -29.97
N VAL F 640 -15.10 -9.85 -29.32
CA VAL F 640 -15.98 -10.75 -30.06
C VAL F 640 -16.95 -9.95 -30.93
N VAL F 641 -17.52 -8.87 -30.38
CA VAL F 641 -18.52 -8.12 -31.13
C VAL F 641 -17.84 -7.43 -32.31
N SER F 642 -16.62 -6.94 -32.11
CA SER F 642 -15.88 -6.33 -33.22
C SER F 642 -15.66 -7.34 -34.35
N VAL F 643 -15.22 -8.54 -34.01
CA VAL F 643 -14.99 -9.56 -35.04
C VAL F 643 -16.30 -9.94 -35.72
N VAL F 644 -17.38 -10.08 -34.95
CA VAL F 644 -18.67 -10.45 -35.52
C VAL F 644 -19.14 -9.39 -36.50
N LEU F 645 -18.97 -8.11 -36.16
CA LEU F 645 -19.34 -7.05 -37.07
C LEU F 645 -18.43 -6.97 -38.28
N ALA F 646 -17.17 -7.38 -38.14
CA ALA F 646 -16.22 -7.29 -39.24
C ALA F 646 -16.29 -8.48 -40.19
N VAL F 647 -16.92 -9.58 -39.80
CA VAL F 647 -16.98 -10.76 -40.65
C VAL F 647 -17.43 -10.41 -42.08
N PRO F 648 -18.48 -9.59 -42.24
CA PRO F 648 -18.89 -9.25 -43.62
C PRO F 648 -17.77 -8.72 -44.47
N GLU F 649 -16.79 -8.06 -43.86
CA GLU F 649 -15.63 -7.59 -44.59
C GLU F 649 -14.97 -8.75 -45.33
N ALA F 650 -14.53 -9.75 -44.55
CA ALA F 650 -13.92 -10.93 -45.16
C ALA F 650 -14.84 -11.59 -46.17
N ILE F 651 -16.14 -11.64 -45.87
CA ILE F 651 -17.04 -12.36 -46.77
C ILE F 651 -17.09 -11.70 -48.14
N GLY F 652 -17.20 -10.37 -48.19
CA GLY F 652 -17.50 -9.71 -49.43
C GLY F 652 -16.35 -9.53 -50.40
N PHE F 653 -15.14 -9.43 -49.87
CA PHE F 653 -13.97 -9.14 -50.70
C PHE F 653 -13.58 -10.30 -51.59
N ASP F 654 -12.94 -9.98 -52.71
CA ASP F 654 -12.51 -10.95 -53.69
C ASP F 654 -11.44 -10.31 -54.56
N ILE F 655 -10.86 -11.10 -55.45
CA ILE F 655 -9.84 -10.60 -56.36
C ILE F 655 -10.32 -10.74 -57.79
N ILE F 656 -10.13 -9.69 -58.58
CA ILE F 656 -10.52 -9.71 -59.99
C ILE F 656 -9.37 -9.22 -60.84
N THR F 657 -9.09 -9.96 -61.90
CA THR F 657 -8.18 -9.50 -62.95
C THR F 657 -8.94 -8.58 -63.91
N MET F 658 -8.27 -7.51 -64.32
CA MET F 658 -8.91 -6.49 -65.12
C MET F 658 -7.97 -6.04 -66.23
N ASP F 659 -8.56 -5.50 -67.30
CA ASP F 659 -7.82 -4.90 -68.40
C ASP F 659 -8.15 -3.42 -68.44
N TYR F 660 -7.12 -2.57 -68.39
CA TYR F 660 -7.32 -1.13 -68.28
C TYR F 660 -6.21 -0.42 -69.04
N LYS F 661 -6.56 0.70 -69.67
CA LYS F 661 -5.61 1.51 -70.43
C LYS F 661 -4.67 0.66 -71.26
N GLY F 662 -5.20 -0.37 -71.92
CA GLY F 662 -4.36 -1.28 -72.68
C GLY F 662 -3.34 -1.99 -71.81
N SER F 663 -3.74 -2.40 -70.61
CA SER F 663 -2.84 -3.06 -69.69
C SER F 663 -3.62 -4.04 -68.82
N TYR F 664 -2.90 -4.98 -68.22
CA TYR F 664 -3.48 -6.01 -67.37
C TYR F 664 -3.22 -5.68 -65.91
N LEU F 665 -4.23 -5.87 -65.06
CA LEU F 665 -4.10 -5.61 -63.64
C LEU F 665 -5.03 -6.54 -62.86
N ARG F 666 -4.61 -6.85 -61.64
CA ARG F 666 -5.40 -7.63 -60.70
C ARG F 666 -5.52 -6.83 -59.41
N ILE F 667 -6.75 -6.66 -58.92
CA ILE F 667 -7.04 -5.69 -57.87
C ILE F 667 -8.02 -6.30 -56.87
N CYS F 668 -7.79 -6.05 -55.59
CA CYS F 668 -8.65 -6.54 -54.53
C CYS F 668 -9.65 -5.47 -54.13
N LEU F 669 -10.93 -5.83 -54.14
CA LEU F 669 -11.98 -4.87 -53.79
C LEU F 669 -13.21 -5.62 -53.30
N LEU F 670 -14.09 -4.88 -52.64
CA LEU F 670 -15.41 -5.42 -52.30
C LEU F 670 -16.18 -5.60 -53.59
N HIS F 671 -16.53 -6.84 -53.92
CA HIS F 671 -16.94 -7.15 -55.28
C HIS F 671 -18.20 -6.38 -55.66
N PRO F 672 -18.25 -5.72 -56.82
CA PRO F 672 -19.48 -5.02 -57.23
C PRO F 672 -20.70 -5.93 -57.30
N VAL F 673 -20.55 -7.17 -57.71
CA VAL F 673 -21.65 -8.14 -57.75
C VAL F 673 -21.52 -8.99 -56.50
N GLN F 674 -22.60 -9.11 -55.75
CA GLN F 674 -22.61 -9.79 -54.46
C GLN F 674 -23.46 -11.04 -54.55
N LYS F 675 -23.13 -12.03 -53.73
CA LYS F 675 -23.77 -13.34 -53.83
C LYS F 675 -25.19 -13.32 -53.26
N THR F 676 -25.40 -12.61 -52.15
CA THR F 676 -26.67 -12.70 -51.44
C THR F 676 -27.18 -11.30 -51.11
N ALA F 677 -28.42 -11.26 -50.62
CA ALA F 677 -29.05 -9.98 -50.31
C ALA F 677 -28.35 -9.28 -49.16
N PHE F 678 -27.90 -10.04 -48.15
CA PHE F 678 -27.17 -9.44 -47.05
C PHE F 678 -25.89 -8.76 -47.53
N MET F 679 -25.14 -9.42 -48.41
CA MET F 679 -23.94 -8.82 -48.98
C MET F 679 -24.27 -7.60 -49.83
N GLN F 680 -25.38 -7.64 -50.58
CA GLN F 680 -25.75 -6.47 -51.37
C GLN F 680 -26.12 -5.30 -50.47
N PHE F 681 -26.82 -5.57 -49.37
CA PHE F 681 -27.13 -4.53 -48.40
C PHE F 681 -25.84 -3.94 -47.84
N TYR F 682 -24.88 -4.79 -47.51
CA TYR F 682 -23.60 -4.28 -47.03
C TYR F 682 -22.92 -3.44 -48.09
N LYS F 683 -22.92 -3.89 -49.33
CA LYS F 683 -22.32 -3.12 -50.41
C LYS F 683 -22.95 -1.73 -50.49
N THR F 684 -24.28 -1.67 -50.37
CA THR F 684 -24.99 -0.41 -50.52
C THR F 684 -24.91 0.47 -49.30
N ALA F 685 -24.55 -0.07 -48.13
CA ALA F 685 -24.58 0.70 -46.90
C ALA F 685 -23.22 0.93 -46.24
N LYS F 686 -22.15 0.30 -46.73
CA LYS F 686 -20.91 0.23 -45.97
C LYS F 686 -20.44 1.60 -45.49
N ASP F 687 -20.47 2.60 -46.38
CA ASP F 687 -19.94 3.91 -46.01
C ASP F 687 -20.70 4.50 -44.83
N TRP F 688 -22.02 4.47 -44.90
CA TRP F 688 -22.81 5.03 -43.81
C TRP F 688 -22.74 4.18 -42.55
N TRP F 689 -22.65 2.87 -42.70
CA TRP F 689 -22.49 2.01 -41.53
C TRP F 689 -21.21 2.35 -40.79
N LEU F 690 -20.12 2.56 -41.54
CA LEU F 690 -18.86 2.93 -40.93
C LEU F 690 -18.96 4.31 -40.29
N PHE F 691 -19.60 5.26 -40.98
CA PHE F 691 -19.70 6.62 -40.46
C PHE F 691 -20.56 6.66 -39.20
N SER F 692 -21.52 5.74 -39.08
CA SER F 692 -22.41 5.74 -37.93
C SER F 692 -21.81 4.97 -36.76
N PHE F 693 -21.51 3.69 -36.94
CA PHE F 693 -21.16 2.86 -35.80
C PHE F 693 -19.73 3.11 -35.32
N TYR F 694 -18.81 3.43 -36.23
CA TYR F 694 -17.41 3.59 -35.88
C TYR F 694 -16.96 5.03 -35.75
N PHE F 695 -17.79 5.99 -36.15
CA PHE F 695 -17.47 7.40 -35.92
C PHE F 695 -18.50 8.06 -35.02
N CYS F 696 -19.79 7.90 -35.35
CA CYS F 696 -20.83 8.59 -34.59
C CYS F 696 -21.12 7.90 -33.26
N LEU F 697 -21.16 6.57 -33.22
CA LEU F 697 -21.39 5.90 -31.94
C LEU F 697 -20.27 6.15 -30.94
N PRO F 698 -18.99 5.98 -31.28
CA PRO F 698 -17.95 6.33 -30.31
C PRO F 698 -18.00 7.79 -29.88
N LEU F 699 -18.22 8.73 -30.80
CA LEU F 699 -18.31 10.13 -30.40
C LEU F 699 -19.48 10.36 -29.47
N ALA F 700 -20.65 9.80 -29.77
CA ALA F 700 -21.82 10.00 -28.94
C ALA F 700 -21.62 9.40 -27.55
N ILE F 701 -21.24 8.13 -27.51
CA ILE F 701 -21.10 7.44 -26.22
C ILE F 701 -19.92 7.95 -25.42
N THR F 702 -18.97 8.65 -26.06
CA THR F 702 -17.90 9.27 -25.29
C THR F 702 -18.30 10.65 -24.81
N ALA F 703 -18.90 11.47 -25.69
CA ALA F 703 -19.27 12.82 -25.32
C ALA F 703 -20.35 12.83 -24.25
N PHE F 704 -21.36 11.98 -24.38
CA PHE F 704 -22.43 11.91 -23.40
C PHE F 704 -21.87 11.58 -22.02
N PHE F 705 -21.08 10.51 -21.94
CA PHE F 705 -20.58 10.06 -20.65
C PHE F 705 -19.56 11.04 -20.08
N TYR F 706 -18.72 11.64 -20.91
CA TYR F 706 -17.76 12.61 -20.40
C TYR F 706 -18.42 13.90 -19.99
N THR F 707 -19.51 14.29 -20.65
CA THR F 707 -20.28 15.44 -20.21
C THR F 707 -20.92 15.17 -18.86
N LEU F 708 -21.48 13.97 -18.68
CA LEU F 708 -22.02 13.62 -17.37
C LEU F 708 -20.94 13.63 -16.31
N MET F 709 -19.75 13.11 -16.64
CA MET F 709 -18.66 13.10 -15.67
C MET F 709 -18.21 14.51 -15.32
N THR F 710 -18.09 15.38 -16.32
CA THR F 710 -17.70 16.76 -16.06
C THR F 710 -18.75 17.46 -15.20
N CYS F 711 -20.03 17.22 -15.47
CA CYS F 711 -21.07 17.76 -14.61
C CYS F 711 -20.89 17.25 -13.17
N GLU F 712 -20.71 15.94 -13.01
CA GLU F 712 -20.54 15.38 -11.68
C GLU F 712 -19.36 15.99 -10.95
N MET F 713 -18.30 16.33 -11.69
CA MET F 713 -17.10 16.89 -11.05
C MET F 713 -17.26 18.37 -10.72
N LEU F 714 -17.94 19.14 -11.58
CA LEU F 714 -17.93 20.59 -11.45
C LEU F 714 -19.17 21.15 -10.77
N ARG F 715 -20.32 20.49 -10.87
CA ARG F 715 -21.55 21.02 -10.28
C ARG F 715 -21.68 20.73 -8.79
N LYS F 716 -20.75 19.97 -8.22
CA LYS F 716 -20.83 19.57 -6.82
C LYS F 716 -19.48 19.77 -6.16
N LYS F 717 -19.51 19.93 -4.84
CA LYS F 717 -18.29 20.10 -4.06
C LYS F 717 -17.55 18.79 -3.90
N LEU F 724 -9.75 22.62 -1.03
CA LEU F 724 -9.25 23.93 -1.46
C LEU F 724 -9.46 24.12 -2.96
N ASN F 725 -9.04 25.28 -3.47
CA ASN F 725 -9.30 25.61 -4.87
C ASN F 725 -8.38 24.87 -5.82
N ASP F 726 -7.29 24.28 -5.34
CA ASP F 726 -6.40 23.52 -6.22
C ASP F 726 -7.11 22.31 -6.80
N HIS F 727 -8.07 21.74 -6.07
CA HIS F 727 -8.83 20.63 -6.62
C HIS F 727 -9.73 21.11 -7.76
N LEU F 728 -10.14 22.37 -7.73
CA LEU F 728 -10.82 22.93 -8.89
C LEU F 728 -9.89 22.94 -10.10
N LYS F 729 -8.62 23.30 -9.90
CA LYS F 729 -7.66 23.23 -10.98
C LYS F 729 -7.51 21.81 -11.49
N GLN F 730 -7.43 20.85 -10.59
CA GLN F 730 -7.29 19.45 -10.99
C GLN F 730 -8.49 18.99 -11.81
N ARG F 731 -9.69 19.34 -11.36
CA ARG F 731 -10.90 18.97 -12.09
C ARG F 731 -10.90 19.62 -13.47
N ARG F 732 -10.53 20.90 -13.54
CA ARG F 732 -10.48 21.58 -14.83
C ARG F 732 -9.51 20.90 -15.76
N GLU F 733 -8.32 20.56 -15.27
CA GLU F 733 -7.33 19.90 -16.11
C GLU F 733 -7.80 18.54 -16.58
N VAL F 734 -8.43 17.74 -15.70
CA VAL F 734 -8.91 16.43 -16.12
C VAL F 734 -9.98 16.57 -17.19
N ALA F 735 -10.93 17.48 -16.98
CA ALA F 735 -11.96 17.69 -18.00
C ALA F 735 -11.35 18.14 -19.31
N LYS F 736 -10.37 19.05 -19.24
CA LYS F 736 -9.68 19.50 -20.44
C LYS F 736 -9.06 18.32 -21.18
N THR F 737 -8.26 17.50 -20.49
CA THR F 737 -7.56 16.43 -21.19
C THR F 737 -8.57 15.46 -21.80
N VAL F 738 -9.64 15.14 -21.07
CA VAL F 738 -10.64 14.22 -21.58
C VAL F 738 -11.26 14.75 -22.86
N PHE F 739 -11.67 16.01 -22.85
CA PHE F 739 -12.34 16.53 -24.04
C PHE F 739 -11.39 16.78 -25.20
N CYS F 740 -10.12 17.12 -24.94
CA CYS F 740 -9.16 17.16 -26.05
C CYS F 740 -8.93 15.78 -26.62
N LEU F 741 -8.97 14.73 -25.78
CA LEU F 741 -8.87 13.39 -26.32
C LEU F 741 -10.04 13.07 -27.25
N VAL F 742 -11.25 13.43 -26.84
CA VAL F 742 -12.42 13.22 -27.69
C VAL F 742 -12.26 14.00 -29.00
N LEU F 743 -11.87 15.26 -28.90
CA LEU F 743 -11.75 16.10 -30.09
C LEU F 743 -10.68 15.60 -31.04
N VAL F 744 -9.53 15.16 -30.51
CA VAL F 744 -8.46 14.67 -31.37
C VAL F 744 -8.88 13.38 -32.04
N PHE F 745 -9.57 12.49 -31.32
CA PHE F 745 -10.10 11.30 -31.98
C PHE F 745 -11.00 11.69 -33.13
N ALA F 746 -11.93 12.62 -32.88
CA ALA F 746 -12.88 13.01 -33.91
C ALA F 746 -12.16 13.54 -35.14
N LEU F 747 -11.23 14.48 -34.94
CA LEU F 747 -10.57 15.09 -36.08
C LEU F 747 -9.64 14.11 -36.79
N CYS F 748 -8.97 13.24 -36.06
CA CYS F 748 -8.10 12.26 -36.71
C CYS F 748 -8.90 11.32 -37.59
N TRP F 749 -10.07 10.87 -37.12
CA TRP F 749 -10.85 9.92 -37.90
C TRP F 749 -11.69 10.56 -38.99
N LEU F 750 -12.03 11.84 -38.87
CA LEU F 750 -13.05 12.40 -39.75
C LEU F 750 -12.74 12.22 -41.23
N PRO F 751 -11.56 12.59 -41.73
CA PRO F 751 -11.39 12.69 -43.19
C PRO F 751 -11.60 11.39 -43.94
N LEU F 752 -11.29 10.25 -43.34
CA LEU F 752 -11.45 8.98 -44.06
C LEU F 752 -12.94 8.69 -44.32
N HIS F 753 -13.73 8.73 -43.25
CA HIS F 753 -15.17 8.56 -43.41
C HIS F 753 -15.74 9.62 -44.33
N LEU F 754 -15.21 10.84 -44.24
CA LEU F 754 -15.72 11.91 -45.09
C LEU F 754 -15.38 11.65 -46.55
N SER F 755 -14.21 11.11 -46.83
CA SER F 755 -13.87 10.73 -48.20
C SER F 755 -14.83 9.69 -48.72
N ARG F 756 -15.13 8.68 -47.91
CA ARG F 756 -16.09 7.68 -48.35
C ARG F 756 -17.46 8.29 -48.62
N ILE F 757 -17.90 9.19 -47.75
CA ILE F 757 -19.22 9.79 -47.93
C ILE F 757 -19.26 10.65 -49.19
N LEU F 758 -18.24 11.48 -49.40
CA LEU F 758 -18.21 12.30 -50.60
C LEU F 758 -18.13 11.44 -51.85
N LYS F 759 -17.40 10.33 -51.79
CA LYS F 759 -17.41 9.40 -52.91
C LYS F 759 -18.82 8.91 -53.18
N LEU F 760 -19.54 8.55 -52.14
CA LEU F 760 -20.90 8.03 -52.33
C LEU F 760 -21.84 9.10 -52.85
N THR F 761 -21.59 10.37 -52.54
CA THR F 761 -22.55 11.42 -52.83
C THR F 761 -22.24 12.18 -54.11
N LEU F 762 -20.98 12.52 -54.35
CA LEU F 762 -20.63 13.43 -55.44
C LEU F 762 -20.30 12.70 -56.74
N TYR F 763 -20.01 11.40 -56.70
CA TYR F 763 -19.61 10.68 -57.91
C TYR F 763 -20.78 10.43 -58.83
N ASN F 764 -20.88 11.21 -59.90
CA ASN F 764 -21.93 11.05 -60.91
C ASN F 764 -21.34 10.35 -62.12
N GLN F 765 -21.96 9.23 -62.52
CA GLN F 765 -21.42 8.44 -63.61
C GLN F 765 -21.42 9.21 -64.92
N ASN F 766 -22.32 10.19 -65.09
CA ASN F 766 -22.42 10.92 -66.34
C ASN F 766 -21.48 12.12 -66.43
N ASP F 767 -20.70 12.40 -65.40
CA ASP F 767 -19.91 13.62 -65.37
C ASP F 767 -18.50 13.35 -65.90
N PRO F 768 -18.12 13.89 -67.06
CA PRO F 768 -16.74 13.70 -67.54
C PRO F 768 -15.69 14.05 -66.52
N ASN F 769 -15.93 15.04 -65.67
CA ASN F 769 -14.94 15.49 -64.69
C ASN F 769 -14.90 14.62 -63.45
N ARG F 770 -15.71 13.57 -63.40
CA ARG F 770 -15.79 12.74 -62.20
C ARG F 770 -14.44 12.23 -61.75
N CYS F 771 -13.49 12.02 -62.67
CA CYS F 771 -12.20 11.47 -62.28
C CYS F 771 -11.24 12.52 -61.72
N GLU F 772 -11.45 13.81 -62.00
CA GLU F 772 -10.78 14.82 -61.20
C GLU F 772 -11.21 14.71 -59.74
N LEU F 773 -12.52 14.66 -59.50
CA LEU F 773 -13.04 14.42 -58.16
C LEU F 773 -12.40 13.18 -57.55
N LEU F 774 -12.30 12.13 -58.36
CA LEU F 774 -11.82 10.85 -57.85
C LEU F 774 -10.34 10.95 -57.47
N SER F 775 -9.54 11.64 -58.28
CA SER F 775 -8.14 11.84 -57.94
C SER F 775 -8.01 12.63 -56.65
N PHE F 776 -8.85 13.65 -56.47
CA PHE F 776 -8.82 14.38 -55.20
C PHE F 776 -9.12 13.43 -54.05
N LEU F 777 -10.18 12.62 -54.21
CA LEU F 777 -10.60 11.76 -53.13
C LEU F 777 -9.53 10.74 -52.78
N LEU F 778 -8.73 10.33 -53.77
CA LEU F 778 -7.61 9.45 -53.47
C LEU F 778 -6.60 10.14 -52.56
N VAL F 779 -6.29 11.40 -52.83
CA VAL F 779 -5.41 12.16 -51.96
C VAL F 779 -5.98 12.23 -50.56
N LEU F 780 -7.27 12.55 -50.45
CA LEU F 780 -7.89 12.67 -49.14
C LEU F 780 -7.84 11.36 -48.38
N ASP F 781 -8.12 10.24 -49.05
CA ASP F 781 -8.09 8.92 -48.42
C ASP F 781 -6.70 8.59 -47.91
N TYR F 782 -5.69 8.88 -48.73
CA TYR F 782 -4.33 8.58 -48.30
C TYR F 782 -3.89 9.43 -47.13
N ILE F 783 -4.36 10.68 -47.04
CA ILE F 783 -4.14 11.45 -45.81
C ILE F 783 -4.88 10.80 -44.65
N GLY F 784 -6.09 10.32 -44.91
CA GLY F 784 -6.92 9.80 -43.84
C GLY F 784 -6.33 8.58 -43.19
N ILE F 785 -5.71 7.71 -43.97
CA ILE F 785 -5.12 6.52 -43.36
C ILE F 785 -4.02 6.93 -42.38
N ASN F 786 -3.15 7.85 -42.78
CA ASN F 786 -2.08 8.28 -41.89
C ASN F 786 -2.62 8.91 -40.62
N MET F 787 -3.64 9.78 -40.75
CA MET F 787 -4.13 10.42 -39.54
C MET F 787 -4.98 9.48 -38.69
N ALA F 788 -5.58 8.45 -39.30
CA ALA F 788 -6.24 7.43 -38.51
C ALA F 788 -5.24 6.67 -37.67
N SER F 789 -4.06 6.38 -38.23
CA SER F 789 -3.00 5.82 -37.43
C SER F 789 -2.51 6.80 -36.37
N LEU F 790 -2.45 8.09 -36.70
CA LEU F 790 -2.09 9.09 -35.71
C LEU F 790 -3.06 9.09 -34.53
N ASN F 791 -4.34 8.77 -34.79
CA ASN F 791 -5.29 8.64 -33.70
C ASN F 791 -4.83 7.60 -32.70
N SER F 792 -4.45 6.42 -33.17
CA SER F 792 -3.88 5.41 -32.29
C SER F 792 -2.59 5.88 -31.65
N CYS F 793 -1.81 6.70 -32.35
CA CYS F 793 -0.58 7.22 -31.78
C CYS F 793 -0.82 8.12 -30.58
N ILE F 794 -1.85 8.96 -30.64
CA ILE F 794 -1.99 10.02 -29.65
C ILE F 794 -2.32 9.47 -28.26
N ASN F 795 -2.87 8.26 -28.17
CA ASN F 795 -3.29 7.75 -26.86
C ASN F 795 -2.11 7.60 -25.90
N PRO F 796 -1.04 6.89 -26.22
CA PRO F 796 0.10 6.81 -25.29
C PRO F 796 0.71 8.17 -25.00
N ILE F 797 0.71 9.08 -25.98
CA ILE F 797 1.20 10.43 -25.72
C ILE F 797 0.34 11.11 -24.66
N ALA F 798 -0.98 10.95 -24.75
CA ALA F 798 -1.86 11.53 -23.75
C ALA F 798 -1.63 10.91 -22.38
N LEU F 799 -1.45 9.59 -22.32
CA LEU F 799 -1.16 8.96 -21.04
C LEU F 799 0.13 9.48 -20.44
N TYR F 800 1.16 9.64 -21.26
CA TYR F 800 2.42 10.22 -20.77
C TYR F 800 2.25 11.67 -20.36
N LEU F 801 1.35 12.41 -21.00
CA LEU F 801 1.14 13.80 -20.67
C LEU F 801 0.41 13.99 -19.36
N VAL F 802 -0.64 13.21 -19.10
CA VAL F 802 -1.51 13.47 -17.96
C VAL F 802 -1.39 12.44 -16.85
N SER F 803 -0.92 11.23 -17.10
CA SER F 803 -0.83 10.21 -16.05
C SER F 803 0.54 10.28 -15.42
N LYS F 804 0.60 10.85 -14.21
CA LYS F 804 1.85 10.84 -13.45
C LYS F 804 2.31 9.42 -13.17
N ARG F 805 1.37 8.54 -12.81
CA ARG F 805 1.74 7.17 -12.48
C ARG F 805 2.53 6.52 -13.60
N PHE F 806 2.22 6.86 -14.85
CA PHE F 806 2.96 6.29 -15.97
C PHE F 806 4.26 7.03 -16.22
N LYS F 807 4.30 8.35 -16.01
CA LYS F 807 5.50 9.12 -16.32
C LYS F 807 6.71 8.62 -15.54
N ASN F 808 6.47 7.92 -14.43
CA ASN F 808 7.58 7.38 -13.64
C ASN F 808 8.39 6.35 -14.43
N CYS F 809 7.78 5.71 -15.42
CA CYS F 809 8.42 4.61 -16.14
C CYS F 809 8.40 4.77 -17.65
N PHE F 810 7.52 5.64 -18.18
CA PHE F 810 7.36 5.72 -19.63
C PHE F 810 8.66 6.15 -20.31
N LYS F 811 9.25 7.25 -19.84
CA LYS F 811 10.44 7.80 -20.48
C LYS F 811 11.24 8.60 -19.46
N SER F 812 12.54 8.66 -19.68
CA SER F 812 13.44 9.39 -18.78
C SER F 812 13.14 10.88 -18.83
#